data_8F72
#
_entry.id   8F72
#
_cell.length_a   210.330
_cell.length_b   106.320
_cell.length_c   112.360
_cell.angle_alpha   90.00
_cell.angle_beta   102.26
_cell.angle_gamma   90.00
#
_symmetry.space_group_name_H-M   'C 1 2 1'
#
loop_
_entity.id
_entity.type
_entity.pdbx_description
1 polymer 'TPR_REGION domain-containing protein'
2 non-polymer 'MAGNESIUM ION'
3 water water
#
_entity_poly.entity_id   1
_entity_poly.type   'polypeptide(L)'
_entity_poly.pdbx_seq_one_letter_code
;HMGTRIGTLLGWNLLEFPKERVRELQSSAEPTEGSYRNIFDALAHLVEEALGHIPHGLIGKDNVVMWPGSTGANFHLPGW
RVSDFVRAPSRARTELPTSSLTLVKGKKVFGDGIVGIFPPMPEIVPSPNGWAQVRMFSRRGNEIFRAWKGVIVTHPNVKE
PLLAFDDGYGVEELGDVLEIHAILLQTQFTAEYTVQGLYYQGIPGWWKHLDLDFAFPPEKSRLVEAGAPLELLYPIAQYL
KLKGPNTGFGGILLSPKILPFLGLHGLEDGGVLAYTRRWKPGERVIFNRRPDLPTGQSAVELTYVGLSPIADSVIAHEHD
IAPTGADYDGDIGYVFPTPEMGGLYMPFHGEALHRKDLPTKDYESGLHRWAGQVHAAHILGRVEVNTRRLLDAAWANGEE
VSQDYLHAATEMIQVAVDRQKRDIQWPDFDFKTIKDPVMTDFWRLAVPGGKLTPEGNTPAAKITNRWRAWETLDGYVGHP
DMKDGLKPLASKVSRVLARGEHRRPGPVLAALAFALPAPEPRPKEVEDLLTAGLQSGKRHAVYDALVQMGLPASQATDHP
ELWLRLASKEELEAVFKQLGYRPAMEELEEALNAVDGVNTSANSAPLDTLFADLFSI
;
_entity_poly.pdbx_strand_id   A,B
#
loop_
_chem_comp.id
_chem_comp.type
_chem_comp.name
_chem_comp.formula
MG non-polymer 'MAGNESIUM ION' 'Mg 2'
#
# COMPACT_ATOMS: atom_id res chain seq x y z
N GLY A 3 13.62 -5.43 -6.48
CA GLY A 3 15.09 -5.35 -6.36
C GLY A 3 15.67 -6.55 -5.62
N THR A 4 15.98 -7.60 -6.38
CA THR A 4 16.97 -8.61 -6.01
C THR A 4 17.90 -8.77 -7.22
N ARG A 5 18.96 -9.57 -7.07
CA ARG A 5 20.15 -9.43 -7.90
C ARG A 5 20.00 -10.14 -9.24
N ILE A 6 20.65 -9.57 -10.28
CA ILE A 6 20.55 -9.99 -11.67
C ILE A 6 20.99 -11.45 -11.81
N GLY A 7 22.11 -11.79 -11.16
CA GLY A 7 22.67 -13.12 -11.25
C GLY A 7 21.71 -14.18 -10.68
N THR A 8 20.99 -13.82 -9.60
CA THR A 8 20.07 -14.76 -8.97
C THR A 8 18.98 -15.14 -9.98
N LEU A 9 18.46 -14.14 -10.72
CA LEU A 9 17.40 -14.36 -11.69
C LEU A 9 17.94 -15.17 -12.88
N LEU A 10 19.27 -15.31 -12.95
CA LEU A 10 19.87 -16.16 -13.98
C LEU A 10 20.29 -17.49 -13.34
N GLY A 11 19.83 -17.68 -12.09
CA GLY A 11 20.02 -18.92 -11.35
C GLY A 11 21.45 -19.04 -10.83
N TRP A 12 21.94 -17.99 -10.18
CA TRP A 12 23.29 -18.02 -9.66
C TRP A 12 23.31 -18.10 -8.13
N ASN A 13 24.28 -18.87 -7.63
CA ASN A 13 24.54 -18.98 -6.21
C ASN A 13 25.09 -17.65 -5.70
N LEU A 14 24.90 -17.43 -4.39
CA LEU A 14 25.24 -16.15 -3.79
C LEU A 14 25.65 -16.37 -2.34
N LEU A 15 26.97 -16.41 -2.11
CA LEU A 15 27.50 -16.35 -0.76
C LEU A 15 27.54 -14.89 -0.31
N GLU A 16 27.57 -14.68 1.01
CA GLU A 16 27.61 -13.34 1.57
C GLU A 16 28.48 -13.35 2.83
N PHE A 17 29.76 -13.75 2.65
CA PHE A 17 30.79 -13.80 3.68
C PHE A 17 30.64 -12.67 4.69
N PRO A 18 31.08 -12.85 5.96
CA PRO A 18 30.92 -11.83 6.99
C PRO A 18 31.63 -10.53 6.59
N LYS A 19 30.93 -9.41 6.78
CA LYS A 19 31.39 -8.07 6.43
C LYS A 19 32.81 -7.83 6.95
N GLU A 20 33.12 -8.48 8.08
CA GLU A 20 34.29 -8.18 8.89
C GLU A 20 35.49 -9.03 8.47
N ARG A 21 35.24 -10.17 7.80
CA ARG A 21 36.27 -11.18 7.62
C ARG A 21 37.22 -10.81 6.48
N VAL A 22 36.72 -10.05 5.50
CA VAL A 22 37.55 -9.57 4.41
C VAL A 22 38.35 -8.35 4.86
N ARG A 23 37.69 -7.45 5.63
CA ARG A 23 38.25 -6.16 6.00
C ARG A 23 39.50 -6.32 6.87
N GLU A 24 39.52 -7.37 7.71
CA GLU A 24 40.68 -7.68 8.52
C GLU A 24 41.80 -8.20 7.62
N LEU A 25 41.44 -9.11 6.70
CA LEU A 25 42.37 -9.77 5.81
C LEU A 25 43.08 -8.75 4.92
N GLN A 26 42.36 -7.65 4.63
CA GLN A 26 42.80 -6.65 3.66
C GLN A 26 44.02 -5.89 4.16
N SER A 27 44.04 -5.52 5.45
CA SER A 27 45.02 -4.56 5.95
C SER A 27 46.44 -5.13 5.99
N SER A 28 46.64 -6.29 5.34
CA SER A 28 47.93 -6.86 5.04
C SER A 28 48.23 -6.72 3.54
N ALA A 29 47.89 -5.56 2.97
CA ALA A 29 47.96 -5.38 1.52
C ALA A 29 48.99 -4.30 1.18
N GLU A 30 49.83 -4.63 0.19
CA GLU A 30 50.92 -3.80 -0.30
C GLU A 30 50.94 -3.84 -1.83
N PRO A 31 51.35 -2.74 -2.50
CA PRO A 31 51.51 -2.74 -3.96
C PRO A 31 52.53 -3.74 -4.53
N THR A 32 52.55 -4.98 -4.00
CA THR A 32 53.54 -5.96 -4.42
C THR A 32 52.85 -7.21 -4.95
N GLU A 33 53.51 -7.83 -5.94
CA GLU A 33 53.08 -9.09 -6.53
C GLU A 33 52.75 -10.11 -5.42
N GLY A 34 53.64 -10.13 -4.42
CA GLY A 34 53.51 -11.03 -3.27
C GLY A 34 52.24 -10.75 -2.48
N SER A 35 52.03 -9.48 -2.10
CA SER A 35 50.89 -9.09 -1.31
C SER A 35 49.58 -9.50 -2.00
N TYR A 36 49.59 -9.45 -3.34
CA TYR A 36 48.49 -9.99 -4.13
C TYR A 36 48.35 -11.48 -3.83
N ARG A 37 49.36 -12.26 -4.27
CA ARG A 37 49.40 -13.70 -4.08
C ARG A 37 49.11 -14.04 -2.62
N ASN A 38 49.25 -13.05 -1.74
CA ASN A 38 48.92 -13.20 -0.34
C ASN A 38 47.40 -13.25 -0.19
N ILE A 39 46.73 -12.13 -0.53
CA ILE A 39 45.29 -12.04 -0.34
C ILE A 39 44.60 -13.02 -1.28
N PHE A 40 45.30 -13.39 -2.35
CA PHE A 40 44.85 -14.41 -3.28
C PHE A 40 44.69 -15.73 -2.55
N ASP A 41 45.77 -16.16 -1.86
CA ASP A 41 45.85 -17.42 -1.12
C ASP A 41 44.80 -17.45 -0.02
N ALA A 42 44.74 -16.37 0.77
CA ALA A 42 43.88 -16.27 1.92
C ALA A 42 42.41 -16.31 1.51
N LEU A 43 42.12 -15.85 0.28
CA LEU A 43 40.74 -15.81 -0.19
C LEU A 43 40.34 -17.19 -0.72
N ALA A 44 41.27 -17.84 -1.44
CA ALA A 44 41.11 -19.24 -1.83
C ALA A 44 40.60 -20.04 -0.63
N HIS A 45 41.41 -20.09 0.44
CA HIS A 45 41.05 -20.84 1.65
C HIS A 45 40.21 -19.98 2.59
N LEU A 46 39.21 -19.29 2.03
CA LEU A 46 38.11 -18.71 2.79
C LEU A 46 36.82 -19.22 2.17
N VAL A 47 36.91 -19.47 0.86
CA VAL A 47 35.86 -20.08 0.07
C VAL A 47 35.82 -21.59 0.35
N GLU A 48 37.01 -22.18 0.56
CA GLU A 48 37.12 -23.61 0.79
C GLU A 48 36.58 -23.97 2.17
N GLU A 49 36.79 -23.09 3.16
CA GLU A 49 36.27 -23.30 4.50
C GLU A 49 34.90 -22.64 4.65
N ALA A 50 34.02 -22.91 3.67
CA ALA A 50 32.64 -22.43 3.67
C ALA A 50 31.82 -23.26 2.70
N LEU A 51 32.50 -23.84 1.69
CA LEU A 51 31.85 -24.52 0.58
C LEU A 51 32.47 -25.90 0.40
N GLY A 52 33.78 -25.99 0.67
CA GLY A 52 34.53 -27.24 0.56
C GLY A 52 35.45 -27.27 -0.67
N HIS A 53 35.15 -26.42 -1.66
CA HIS A 53 35.75 -26.56 -2.99
C HIS A 53 35.98 -25.19 -3.63
N ILE A 54 36.57 -25.22 -4.83
CA ILE A 54 36.78 -24.05 -5.67
C ILE A 54 35.75 -24.07 -6.80
N PRO A 55 34.47 -23.65 -6.55
CA PRO A 55 33.39 -23.83 -7.53
C PRO A 55 33.69 -23.18 -8.88
N HIS A 56 33.50 -23.97 -9.95
CA HIS A 56 33.82 -23.58 -11.31
C HIS A 56 33.17 -22.23 -11.64
N GLY A 57 33.99 -21.30 -12.16
CA GLY A 57 33.53 -20.04 -12.75
C GLY A 57 33.05 -19.03 -11.71
N LEU A 58 33.73 -18.97 -10.55
CA LEU A 58 33.33 -18.12 -9.45
C LEU A 58 33.90 -16.70 -9.63
N ILE A 59 33.11 -15.71 -9.19
CA ILE A 59 33.44 -14.30 -9.24
C ILE A 59 33.05 -13.67 -7.89
N GLY A 60 33.65 -12.52 -7.56
CA GLY A 60 33.32 -11.85 -6.31
C GLY A 60 33.60 -10.34 -6.33
N LYS A 61 32.82 -9.59 -5.56
CA LYS A 61 33.05 -8.18 -5.31
C LYS A 61 33.82 -8.02 -4.00
N ASP A 62 33.10 -7.70 -2.91
CA ASP A 62 33.77 -7.43 -1.64
C ASP A 62 33.65 -8.67 -0.77
N ASN A 63 32.54 -8.72 -0.04
CA ASN A 63 32.10 -9.84 0.76
C ASN A 63 31.35 -10.83 -0.13
N VAL A 64 30.62 -10.29 -1.11
CA VAL A 64 29.73 -11.07 -1.97
C VAL A 64 30.55 -11.91 -2.95
N VAL A 65 30.27 -13.23 -2.96
CA VAL A 65 30.78 -14.13 -3.99
C VAL A 65 29.59 -14.74 -4.73
N MET A 66 29.79 -15.11 -6.00
CA MET A 66 28.73 -15.65 -6.85
C MET A 66 29.30 -16.70 -7.80
N TRP A 67 28.47 -17.70 -8.11
CA TRP A 67 28.87 -18.76 -9.03
C TRP A 67 27.63 -19.48 -9.58
N PRO A 68 27.72 -20.12 -10.77
CA PRO A 68 26.52 -20.64 -11.45
C PRO A 68 25.91 -21.89 -10.80
N GLY A 69 26.77 -22.81 -10.35
CA GLY A 69 26.36 -24.19 -10.12
C GLY A 69 26.05 -24.84 -11.46
N SER A 70 24.79 -25.25 -11.65
CA SER A 70 24.30 -25.56 -12.99
C SER A 70 22.81 -25.25 -13.11
N THR A 71 22.24 -24.54 -12.11
CA THR A 71 21.01 -23.79 -12.34
C THR A 71 21.39 -22.55 -13.15
N GLY A 72 22.65 -22.13 -13.00
CA GLY A 72 23.14 -20.84 -13.48
C GLY A 72 23.30 -20.78 -14.99
N ALA A 73 22.63 -19.79 -15.60
CA ALA A 73 22.74 -19.50 -17.03
C ALA A 73 24.20 -19.38 -17.43
N ASN A 74 24.50 -19.78 -18.67
CA ASN A 74 25.88 -19.90 -19.11
C ASN A 74 26.27 -18.64 -19.89
N PHE A 75 27.47 -18.12 -19.60
CA PHE A 75 28.00 -16.92 -20.25
C PHE A 75 29.07 -17.29 -21.26
N HIS A 76 28.87 -16.87 -22.51
CA HIS A 76 29.80 -17.24 -23.58
C HIS A 76 30.99 -16.29 -23.61
N LEU A 77 31.51 -15.95 -22.43
CA LEU A 77 32.58 -14.98 -22.31
C LEU A 77 33.47 -15.32 -21.12
N PRO A 78 34.78 -14.97 -21.17
CA PRO A 78 35.71 -15.26 -20.07
C PRO A 78 35.11 -15.10 -18.68
N GLY A 79 35.45 -16.06 -17.80
CA GLY A 79 34.84 -16.19 -16.49
C GLY A 79 34.85 -14.89 -15.68
N TRP A 80 36.00 -14.18 -15.74
CA TRP A 80 36.26 -13.01 -14.91
C TRP A 80 35.45 -11.80 -15.37
N ARG A 81 35.20 -11.72 -16.68
CA ARG A 81 34.37 -10.68 -17.28
C ARG A 81 32.95 -10.76 -16.70
N VAL A 82 32.52 -11.96 -16.29
CA VAL A 82 31.11 -12.23 -16.01
C VAL A 82 30.68 -11.47 -14.75
N SER A 83 31.67 -11.11 -13.93
CA SER A 83 31.44 -10.44 -12.66
C SER A 83 30.64 -9.15 -12.84
N ASP A 84 30.89 -8.43 -13.94
CA ASP A 84 30.35 -7.10 -14.14
C ASP A 84 28.84 -7.15 -14.38
N PHE A 85 28.28 -8.37 -14.48
CA PHE A 85 26.96 -8.55 -15.05
C PHE A 85 25.95 -9.13 -14.07
N VAL A 86 26.44 -9.82 -13.04
CA VAL A 86 25.60 -10.71 -12.26
C VAL A 86 25.14 -10.07 -10.93
N ARG A 87 26.04 -9.29 -10.30
CA ARG A 87 25.87 -8.86 -8.91
C ARG A 87 24.91 -7.69 -8.77
N ALA A 88 24.69 -6.93 -9.85
CA ALA A 88 23.93 -5.69 -9.73
C ALA A 88 22.45 -5.98 -9.43
N PRO A 89 21.74 -5.08 -8.71
CA PRO A 89 20.29 -5.22 -8.55
C PRO A 89 19.58 -5.16 -9.90
N SER A 90 18.49 -5.93 -10.02
CA SER A 90 17.61 -5.86 -11.18
C SER A 90 16.35 -5.06 -10.82
N ARG A 91 16.44 -3.75 -10.90
CA ARG A 91 15.37 -2.90 -10.40
C ARG A 91 14.17 -2.83 -11.35
N ALA A 92 14.35 -3.30 -12.59
CA ALA A 92 13.30 -3.33 -13.61
C ALA A 92 13.77 -4.10 -14.83
N ARG A 93 12.85 -4.80 -15.50
CA ARG A 93 13.19 -5.73 -16.58
C ARG A 93 12.40 -5.39 -17.83
N THR A 94 12.91 -5.87 -18.98
CA THR A 94 12.21 -5.83 -20.25
C THR A 94 12.84 -6.86 -21.19
N GLU A 95 12.17 -7.06 -22.33
CA GLU A 95 12.61 -8.05 -23.29
C GLU A 95 12.40 -7.48 -24.69
N LEU A 96 13.34 -7.79 -25.59
CA LEU A 96 13.23 -7.42 -26.99
C LEU A 96 13.68 -8.58 -27.87
N PRO A 97 12.85 -9.01 -28.85
CA PRO A 97 13.25 -10.04 -29.82
C PRO A 97 14.40 -9.56 -30.70
N THR A 98 15.41 -10.42 -30.86
CA THR A 98 16.63 -10.09 -31.58
C THR A 98 16.32 -9.55 -32.98
N SER A 99 15.05 -9.61 -33.39
CA SER A 99 14.64 -9.27 -34.74
C SER A 99 14.31 -7.78 -34.86
N SER A 100 14.20 -7.08 -33.71
CA SER A 100 13.72 -5.71 -33.69
C SER A 100 14.89 -4.74 -33.74
N LEU A 101 16.09 -5.27 -33.47
CA LEU A 101 17.26 -4.46 -33.19
C LEU A 101 17.96 -4.12 -34.50
N THR A 102 18.32 -2.85 -34.66
CA THR A 102 19.39 -2.49 -35.59
C THR A 102 20.72 -2.64 -34.86
N LEU A 103 21.68 -3.35 -35.47
CA LEU A 103 22.97 -3.47 -34.80
C LEU A 103 23.93 -2.45 -35.38
N VAL A 104 23.81 -1.19 -34.94
CA VAL A 104 24.78 -0.19 -35.35
C VAL A 104 26.17 -0.67 -34.92
N LYS A 105 27.14 -0.53 -35.83
CA LYS A 105 28.46 -1.12 -35.69
C LYS A 105 29.49 -0.03 -35.44
N GLY A 106 30.62 -0.42 -34.84
CA GLY A 106 31.66 0.50 -34.43
C GLY A 106 31.91 0.40 -32.92
N LYS A 107 33.18 0.47 -32.50
CA LYS A 107 33.53 0.56 -31.10
C LYS A 107 33.22 1.97 -30.60
N LYS A 108 32.49 2.07 -29.49
CA LYS A 108 32.21 3.35 -28.84
C LYS A 108 31.43 4.27 -29.77
N VAL A 109 30.51 3.68 -30.57
CA VAL A 109 29.70 4.43 -31.52
C VAL A 109 29.01 5.55 -30.77
N PHE A 110 28.25 5.16 -29.73
CA PHE A 110 27.37 6.09 -29.04
C PHE A 110 28.15 6.90 -28.01
N GLY A 111 29.47 6.69 -27.96
CA GLY A 111 30.29 7.18 -26.87
C GLY A 111 30.58 6.04 -25.89
N ASP A 112 31.79 6.05 -25.33
CA ASP A 112 32.31 4.92 -24.57
C ASP A 112 31.58 4.80 -23.24
N GLY A 113 30.55 3.95 -23.25
CA GLY A 113 29.74 3.63 -22.07
C GLY A 113 28.27 3.43 -22.44
N ILE A 114 27.84 4.07 -23.53
CA ILE A 114 26.44 4.03 -23.89
C ILE A 114 26.25 2.88 -24.87
N VAL A 115 25.24 2.05 -24.62
CA VAL A 115 25.15 0.78 -25.31
C VAL A 115 23.90 0.68 -26.17
N GLY A 116 22.90 1.56 -25.92
CA GLY A 116 21.68 1.56 -26.69
C GLY A 116 21.03 2.93 -26.77
N ILE A 117 20.54 3.28 -27.97
CA ILE A 117 19.71 4.45 -28.18
C ILE A 117 18.35 3.95 -28.68
N PHE A 118 17.32 4.08 -27.84
CA PHE A 118 16.04 3.44 -28.10
C PHE A 118 14.93 4.46 -28.18
N PRO A 119 13.73 4.05 -28.66
CA PRO A 119 12.53 4.87 -28.55
C PRO A 119 12.00 4.66 -27.14
N PRO A 120 11.02 5.47 -26.67
CA PRO A 120 10.42 5.28 -25.35
C PRO A 120 10.24 3.80 -24.99
N MET A 121 10.57 3.47 -23.73
CA MET A 121 10.40 2.14 -23.18
C MET A 121 10.00 2.28 -21.71
N PRO A 122 8.69 2.45 -21.38
CA PRO A 122 8.27 2.96 -20.07
C PRO A 122 8.29 1.90 -18.98
N GLU A 123 8.81 0.72 -19.31
CA GLU A 123 8.96 -0.34 -18.33
C GLU A 123 10.41 -0.44 -17.85
N ILE A 124 11.28 0.46 -18.36
CA ILE A 124 12.63 0.61 -17.83
C ILE A 124 13.00 2.08 -17.63
N VAL A 125 12.51 2.95 -18.54
CA VAL A 125 12.83 4.37 -18.40
C VAL A 125 11.55 5.17 -18.23
N PRO A 126 11.39 5.89 -17.11
CA PRO A 126 10.11 6.54 -16.78
C PRO A 126 9.80 7.76 -17.64
N SER A 127 10.77 8.19 -18.45
CA SER A 127 10.60 9.37 -19.30
C SER A 127 10.69 8.98 -20.78
N PRO A 128 9.89 9.61 -21.67
CA PRO A 128 10.22 9.66 -23.10
C PRO A 128 11.67 10.10 -23.32
N ASN A 129 12.06 11.17 -22.60
CA ASN A 129 13.35 11.86 -22.66
C ASN A 129 14.42 11.18 -21.81
N GLY A 130 14.30 9.87 -21.53
CA GLY A 130 14.93 9.33 -20.35
C GLY A 130 16.20 8.51 -20.61
N TRP A 131 16.73 7.94 -19.53
CA TRP A 131 17.81 6.98 -19.58
C TRP A 131 17.63 5.96 -18.47
N ALA A 132 18.43 4.90 -18.53
CA ALA A 132 18.59 3.93 -17.47
C ALA A 132 19.96 3.29 -17.61
N GLN A 133 20.62 3.03 -16.48
CA GLN A 133 21.82 2.19 -16.51
C GLN A 133 21.38 0.74 -16.49
N VAL A 134 22.00 -0.08 -17.34
CA VAL A 134 21.45 -1.40 -17.65
C VAL A 134 22.56 -2.45 -17.75
N ARG A 135 22.12 -3.70 -17.70
CA ARG A 135 22.84 -4.86 -18.19
C ARG A 135 21.92 -5.57 -19.17
N MET A 136 22.45 -5.92 -20.36
CA MET A 136 21.62 -6.55 -21.37
C MET A 136 22.38 -7.71 -22.04
N PHE A 137 21.65 -8.80 -22.27
CA PHE A 137 22.18 -10.04 -22.83
C PHE A 137 21.32 -10.48 -24.01
N SER A 138 21.98 -11.08 -25.02
CA SER A 138 21.27 -11.81 -26.05
C SER A 138 21.32 -13.30 -25.72
N ARG A 139 20.13 -13.93 -25.73
CA ARG A 139 19.86 -15.14 -24.98
C ARG A 139 19.21 -16.20 -25.85
N ARG A 140 19.47 -17.47 -25.49
CA ARG A 140 18.85 -18.65 -26.08
C ARG A 140 17.77 -19.17 -25.12
N GLY A 141 18.20 -20.06 -24.22
CA GLY A 141 17.33 -20.61 -23.19
C GLY A 141 18.04 -20.55 -21.85
N ASN A 142 19.26 -21.10 -21.82
CA ASN A 142 20.20 -20.91 -20.72
C ASN A 142 21.52 -20.37 -21.28
N GLU A 143 21.54 -20.12 -22.60
CA GLU A 143 22.72 -19.63 -23.27
C GLU A 143 22.67 -18.11 -23.41
N ILE A 144 23.78 -17.46 -23.04
CA ILE A 144 24.01 -16.02 -23.17
C ILE A 144 25.27 -15.83 -24.01
N PHE A 145 25.11 -15.23 -25.19
CA PHE A 145 26.17 -15.21 -26.19
C PHE A 145 26.95 -13.89 -26.15
N ARG A 146 26.22 -12.78 -25.94
CA ARG A 146 26.75 -11.43 -25.97
C ARG A 146 26.08 -10.63 -24.84
N ALA A 147 26.87 -9.76 -24.19
CA ALA A 147 26.37 -8.93 -23.09
C ALA A 147 26.94 -7.52 -23.15
N TRP A 148 26.09 -6.52 -22.84
CA TRP A 148 26.46 -5.12 -22.79
C TRP A 148 26.25 -4.56 -21.39
N LYS A 149 27.25 -3.79 -20.93
CA LYS A 149 27.14 -3.07 -19.68
C LYS A 149 27.31 -1.59 -20.01
N GLY A 150 26.42 -0.77 -19.47
CA GLY A 150 26.48 0.67 -19.69
C GLY A 150 25.09 1.28 -19.56
N VAL A 151 24.87 2.41 -20.24
CA VAL A 151 23.58 3.09 -20.15
C VAL A 151 22.93 3.07 -21.52
N ILE A 152 21.59 3.17 -21.52
CA ILE A 152 20.82 3.37 -22.74
C ILE A 152 20.00 4.65 -22.55
N VAL A 153 19.77 5.36 -23.66
CA VAL A 153 18.93 6.53 -23.63
C VAL A 153 17.70 6.23 -24.48
N THR A 154 16.77 7.20 -24.49
CA THR A 154 15.41 7.02 -24.94
C THR A 154 14.91 8.37 -25.42
N HIS A 155 14.37 8.41 -26.65
CA HIS A 155 13.86 9.66 -27.18
C HIS A 155 12.71 9.37 -28.15
N PRO A 156 11.66 10.23 -28.19
CA PRO A 156 10.59 10.11 -29.17
C PRO A 156 11.09 10.04 -30.61
N ASN A 157 11.98 10.97 -30.99
CA ASN A 157 12.54 11.08 -32.33
C ASN A 157 13.21 9.77 -32.76
N VAL A 158 13.41 8.82 -31.82
CA VAL A 158 14.09 7.59 -32.16
C VAL A 158 13.06 6.52 -32.49
N LYS A 159 13.05 6.10 -33.77
CA LYS A 159 12.01 5.22 -34.29
C LYS A 159 12.31 3.75 -34.00
N GLU A 160 13.52 3.29 -34.34
CA GLU A 160 13.85 1.88 -34.14
C GLU A 160 14.93 1.76 -33.07
N PRO A 161 14.87 0.72 -32.20
CA PRO A 161 15.92 0.49 -31.19
C PRO A 161 17.28 0.15 -31.77
N LEU A 162 18.31 0.90 -31.34
CA LEU A 162 19.65 0.75 -31.88
C LEU A 162 20.59 0.27 -30.78
N LEU A 163 21.47 -0.68 -31.15
CA LEU A 163 22.36 -1.27 -30.18
C LEU A 163 23.81 -1.26 -30.69
N ALA A 164 24.73 -0.87 -29.81
CA ALA A 164 26.14 -0.77 -30.19
C ALA A 164 26.76 -2.16 -30.11
N PHE A 165 26.70 -2.88 -31.23
CA PHE A 165 27.02 -4.29 -31.24
C PHE A 165 28.47 -4.53 -30.83
N ASP A 166 29.38 -3.67 -31.30
CA ASP A 166 30.81 -3.91 -31.14
C ASP A 166 31.26 -3.54 -29.72
N ASP A 167 30.32 -3.13 -28.87
CA ASP A 167 30.60 -2.81 -27.47
C ASP A 167 30.09 -3.95 -26.59
N GLY A 168 29.76 -5.08 -27.22
CA GLY A 168 29.29 -6.31 -26.58
C GLY A 168 30.47 -7.16 -26.10
N TYR A 169 30.17 -8.28 -25.42
CA TYR A 169 31.23 -8.95 -24.68
C TYR A 169 31.44 -10.41 -25.06
N GLY A 170 30.40 -11.08 -25.55
CA GLY A 170 30.50 -12.50 -25.82
C GLY A 170 31.23 -12.83 -27.13
N VAL A 171 30.63 -13.74 -27.90
CA VAL A 171 31.16 -14.16 -29.17
C VAL A 171 30.24 -13.66 -30.27
N GLU A 172 30.63 -13.90 -31.54
CA GLU A 172 29.98 -13.33 -32.70
C GLU A 172 28.49 -13.64 -32.72
N GLU A 173 28.15 -14.94 -32.65
CA GLU A 173 26.78 -15.40 -32.76
C GLU A 173 25.93 -14.74 -31.67
N LEU A 174 24.63 -14.64 -31.93
CA LEU A 174 23.73 -13.80 -31.17
C LEU A 174 22.48 -14.61 -30.84
N GLY A 175 21.96 -14.46 -29.63
CA GLY A 175 20.74 -15.14 -29.20
C GLY A 175 19.53 -14.69 -30.01
N ASP A 176 18.32 -15.05 -29.54
CA ASP A 176 17.09 -14.77 -30.26
C ASP A 176 16.26 -13.73 -29.51
N VAL A 177 16.66 -13.44 -28.27
CA VAL A 177 16.04 -12.39 -27.48
C VAL A 177 17.12 -11.58 -26.76
N LEU A 178 16.90 -10.26 -26.65
CA LEU A 178 17.76 -9.35 -25.91
C LEU A 178 17.09 -9.02 -24.57
N GLU A 179 17.76 -9.44 -23.47
CA GLU A 179 17.21 -9.29 -22.13
C GLU A 179 17.88 -8.12 -21.43
N ILE A 180 17.08 -7.14 -21.00
CA ILE A 180 17.61 -5.89 -20.45
C ILE A 180 17.18 -5.73 -18.98
N HIS A 181 18.17 -5.46 -18.12
CA HIS A 181 17.96 -5.21 -16.70
C HIS A 181 18.46 -3.81 -16.32
N ALA A 182 17.52 -2.90 -16.03
CA ALA A 182 17.81 -1.60 -15.41
C ALA A 182 18.40 -1.79 -14.02
N ILE A 183 19.70 -1.48 -13.85
CA ILE A 183 20.36 -1.59 -12.55
C ILE A 183 20.33 -0.25 -11.80
N LEU A 184 19.91 0.82 -12.49
CA LEU A 184 19.74 2.13 -11.87
C LEU A 184 18.73 2.94 -12.67
N LEU A 185 17.64 3.35 -12.02
CA LEU A 185 16.57 4.08 -12.68
C LEU A 185 16.94 5.56 -12.85
N GLN A 186 16.26 6.20 -13.80
CA GLN A 186 16.52 7.59 -14.09
C GLN A 186 16.31 8.41 -12.82
N THR A 187 17.29 9.28 -12.52
CA THR A 187 17.21 10.22 -11.42
C THR A 187 18.25 11.32 -11.60
N GLN A 188 18.05 12.47 -10.93
CA GLN A 188 19.15 13.40 -10.69
C GLN A 188 19.91 12.93 -9.45
N PHE A 189 21.10 13.49 -9.22
CA PHE A 189 21.93 13.08 -8.09
C PHE A 189 22.25 14.31 -7.25
N THR A 190 22.34 14.12 -5.92
CA THR A 190 22.62 15.27 -5.08
C THR A 190 24.07 15.69 -5.32
N ALA A 191 24.26 17.00 -5.42
CA ALA A 191 25.48 17.57 -5.95
C ALA A 191 26.04 18.51 -4.89
N GLU A 192 26.86 17.95 -4.00
CA GLU A 192 27.47 18.74 -2.93
C GLU A 192 28.98 18.57 -3.01
N TYR A 193 29.68 19.57 -2.47
CA TYR A 193 31.13 19.50 -2.36
C TYR A 193 31.51 18.40 -1.38
N THR A 194 32.63 17.73 -1.65
CA THR A 194 33.14 16.68 -0.78
C THR A 194 34.47 17.09 -0.14
N VAL A 195 34.81 16.39 0.94
CA VAL A 195 36.03 16.69 1.69
C VAL A 195 37.22 16.49 0.75
N GLN A 196 37.28 15.33 0.10
CA GLN A 196 38.35 15.04 -0.85
C GLN A 196 38.42 16.17 -1.87
N GLY A 197 37.29 16.42 -2.54
CA GLY A 197 37.20 17.49 -3.52
C GLY A 197 37.77 18.80 -2.98
N LEU A 198 37.38 19.15 -1.74
CA LEU A 198 37.81 20.43 -1.19
C LEU A 198 39.29 20.38 -0.84
N TYR A 199 39.77 19.18 -0.47
CA TYR A 199 41.18 19.04 -0.12
C TYR A 199 42.02 19.27 -1.36
N TYR A 200 41.57 18.69 -2.47
CA TYR A 200 42.32 18.64 -3.71
C TYR A 200 42.16 19.89 -4.56
N GLN A 201 40.99 20.56 -4.52
CA GLN A 201 40.76 21.62 -5.48
C GLN A 201 39.91 22.75 -4.90
N GLY A 202 39.83 22.84 -3.56
CA GLY A 202 39.01 23.84 -2.93
C GLY A 202 39.57 25.26 -3.10
N ILE A 203 38.66 26.25 -3.13
CA ILE A 203 39.05 27.66 -3.17
C ILE A 203 39.85 27.99 -1.91
N PRO A 204 40.67 29.06 -1.89
CA PRO A 204 41.38 29.43 -0.66
C PRO A 204 40.37 29.66 0.47
N GLY A 205 40.61 29.00 1.60
CA GLY A 205 39.75 29.19 2.76
C GLY A 205 38.33 28.71 2.51
N TRP A 206 38.22 27.49 2.00
CA TRP A 206 36.95 26.89 1.62
C TRP A 206 36.16 26.46 2.85
N TRP A 207 36.86 25.89 3.84
CA TRP A 207 36.32 25.59 5.17
C TRP A 207 35.54 26.77 5.71
N LYS A 208 35.91 28.00 5.31
CA LYS A 208 35.24 29.20 5.76
C LYS A 208 33.76 29.18 5.37
N HIS A 209 33.40 28.40 4.35
CA HIS A 209 32.08 28.52 3.73
C HIS A 209 31.17 27.32 4.04
N LEU A 210 31.61 26.42 4.94
CA LEU A 210 30.79 25.33 5.47
C LEU A 210 29.89 25.82 6.61
N ASP A 211 28.72 25.20 6.73
CA ASP A 211 27.73 25.60 7.71
C ASP A 211 26.95 24.36 8.13
N LEU A 212 26.21 24.50 9.24
CA LEU A 212 25.38 23.42 9.78
C LEU A 212 24.00 23.54 9.16
N ASP A 213 23.30 22.40 9.04
CA ASP A 213 21.94 22.41 8.56
C ASP A 213 21.25 21.19 9.14
N PHE A 214 19.94 21.10 8.88
CA PHE A 214 19.12 20.03 9.42
C PHE A 214 18.52 19.24 8.27
N ALA A 215 18.49 17.92 8.44
CA ALA A 215 17.90 17.01 7.47
C ALA A 215 16.92 16.09 8.20
N PHE A 216 15.63 16.32 8.00
CA PHE A 216 14.61 15.50 8.63
C PHE A 216 13.98 14.57 7.59
N PRO A 217 14.00 13.23 7.80
CA PRO A 217 13.19 12.33 6.98
C PRO A 217 11.73 12.76 7.07
N PRO A 218 10.85 12.42 6.10
CA PRO A 218 9.51 13.02 6.05
C PRO A 218 8.63 12.78 7.29
N GLU A 219 8.75 11.60 7.91
CA GLU A 219 8.08 11.40 9.19
C GLU A 219 8.45 12.49 10.20
N LYS A 220 9.75 12.69 10.44
CA LYS A 220 10.15 13.69 11.42
C LYS A 220 9.88 15.11 10.95
N SER A 221 9.97 15.33 9.63
CA SER A 221 9.76 16.67 9.13
C SER A 221 8.32 17.14 9.32
N ARG A 222 7.41 16.18 9.44
CA ARG A 222 6.01 16.47 9.71
C ARG A 222 5.88 16.97 11.15
N LEU A 223 6.60 16.33 12.08
CA LEU A 223 6.57 16.76 13.47
C LEU A 223 7.16 18.17 13.54
N VAL A 224 8.29 18.38 12.88
CA VAL A 224 8.92 19.68 12.98
C VAL A 224 7.96 20.77 12.49
N GLU A 225 7.29 20.52 11.35
CA GLU A 225 6.41 21.51 10.72
C GLU A 225 5.21 21.84 11.60
N ALA A 226 4.83 20.92 12.49
CA ALA A 226 3.66 21.17 13.32
C ALA A 226 4.05 21.71 14.69
N GLY A 227 5.34 21.94 14.93
CA GLY A 227 5.80 22.44 16.22
C GLY A 227 5.85 21.36 17.30
N ALA A 228 6.31 20.15 16.94
CA ALA A 228 6.63 19.15 17.92
C ALA A 228 7.68 19.70 18.88
N PRO A 229 7.66 19.31 20.18
CA PRO A 229 8.72 19.76 21.09
C PRO A 229 10.02 19.11 20.61
N LEU A 230 11.12 19.80 20.90
CA LEU A 230 12.47 19.34 20.64
C LEU A 230 12.67 17.96 21.27
N GLU A 231 11.95 17.64 22.36
CA GLU A 231 12.09 16.36 23.03
C GLU A 231 11.87 15.22 22.04
N LEU A 232 11.04 15.45 21.02
CA LEU A 232 10.64 14.39 20.10
C LEU A 232 11.71 14.15 19.04
N LEU A 233 12.77 14.97 19.03
CA LEU A 233 13.82 14.90 18.03
C LEU A 233 15.10 14.32 18.64
N TYR A 234 15.05 13.86 19.88
CA TYR A 234 16.26 13.38 20.53
C TYR A 234 16.73 12.11 19.83
N PRO A 235 18.03 11.99 19.48
CA PRO A 235 19.02 13.04 19.73
C PRO A 235 19.23 13.85 18.45
N ILE A 236 19.34 15.16 18.62
CA ILE A 236 19.22 16.11 17.53
C ILE A 236 20.32 15.84 16.52
N ALA A 237 21.42 15.24 16.98
CA ALA A 237 22.56 14.90 16.13
C ALA A 237 22.15 14.05 14.92
N GLN A 238 21.25 13.08 15.08
CA GLN A 238 20.84 12.25 13.95
C GLN A 238 20.22 13.07 12.83
N TYR A 239 19.99 14.40 13.02
CA TYR A 239 19.37 15.22 11.98
C TYR A 239 20.31 16.32 11.50
N LEU A 240 21.56 16.29 12.01
CA LEU A 240 22.51 17.30 11.60
C LEU A 240 23.25 16.85 10.35
N LYS A 241 23.61 17.83 9.52
CA LYS A 241 24.54 17.65 8.40
C LYS A 241 25.20 19.00 8.14
N LEU A 242 26.43 18.94 7.59
CA LEU A 242 27.09 20.11 7.02
C LEU A 242 26.50 20.39 5.64
N LYS A 243 26.62 21.66 5.23
CA LYS A 243 26.16 22.09 3.92
C LYS A 243 27.16 23.07 3.32
N GLY A 244 27.23 23.10 1.99
CA GLY A 244 28.08 24.04 1.27
C GLY A 244 27.36 25.38 1.10
N PRO A 245 28.03 26.44 0.60
CA PRO A 245 27.38 27.74 0.45
C PRO A 245 26.32 27.71 -0.64
N ASN A 246 26.32 26.61 -1.41
CA ASN A 246 25.41 26.41 -2.53
C ASN A 246 25.55 24.96 -3.00
N THR A 247 24.76 24.59 -4.02
CA THR A 247 24.60 23.20 -4.41
C THR A 247 24.75 23.09 -5.92
N GLY A 248 25.17 21.92 -6.42
CA GLY A 248 25.43 21.74 -7.84
C GLY A 248 24.26 21.12 -8.59
N PHE A 249 24.48 20.77 -9.87
CA PHE A 249 23.57 19.90 -10.61
C PHE A 249 24.27 18.57 -10.86
N GLY A 250 23.51 17.46 -10.83
CA GLY A 250 24.10 16.16 -11.03
C GLY A 250 23.22 15.26 -11.90
N GLY A 251 23.75 14.87 -13.07
CA GLY A 251 23.03 14.02 -14.00
C GLY A 251 23.90 12.85 -14.44
N ILE A 252 23.28 11.88 -15.12
CA ILE A 252 24.04 10.83 -15.79
C ILE A 252 24.84 11.48 -16.94
N LEU A 253 25.99 10.88 -17.23
CA LEU A 253 26.95 11.50 -18.13
C LEU A 253 26.87 10.81 -19.48
N LEU A 254 26.58 11.60 -20.53
CA LEU A 254 26.37 11.09 -21.88
C LEU A 254 27.33 11.75 -22.87
N SER A 255 27.54 11.07 -23.99
CA SER A 255 28.41 11.53 -25.08
C SER A 255 27.60 12.31 -26.12
N PRO A 256 28.15 13.40 -26.69
CA PRO A 256 27.52 14.07 -27.84
C PRO A 256 27.39 13.16 -29.06
N LYS A 257 28.09 12.01 -29.03
CA LYS A 257 28.00 11.06 -30.12
C LYS A 257 26.57 10.56 -30.32
N ILE A 258 25.73 10.73 -29.30
CA ILE A 258 24.37 10.21 -29.34
C ILE A 258 23.49 11.15 -30.16
N LEU A 259 23.89 12.43 -30.26
CA LEU A 259 22.99 13.47 -30.73
C LEU A 259 22.54 13.22 -32.17
N PRO A 260 23.43 12.84 -33.12
CA PRO A 260 22.98 12.49 -34.47
C PRO A 260 21.84 11.47 -34.43
N PHE A 261 22.01 10.37 -33.70
CA PHE A 261 20.99 9.34 -33.66
C PHE A 261 19.71 9.83 -32.99
N LEU A 262 19.75 10.96 -32.25
CA LEU A 262 18.52 11.51 -31.70
C LEU A 262 17.87 12.41 -32.74
N GLY A 263 18.61 12.70 -33.82
CA GLY A 263 18.17 13.55 -34.91
C GLY A 263 18.50 15.01 -34.65
N LEU A 264 19.50 15.26 -33.81
CA LEU A 264 19.85 16.60 -33.36
C LEU A 264 21.30 16.90 -33.75
N HIS A 265 21.60 18.20 -33.93
CA HIS A 265 22.96 18.63 -34.25
C HIS A 265 23.87 18.51 -33.02
N GLY A 266 25.19 18.50 -33.27
CA GLY A 266 26.19 18.29 -32.24
C GLY A 266 26.50 19.55 -31.45
N LEU A 267 27.69 19.58 -30.82
CA LEU A 267 27.98 20.47 -29.71
C LEU A 267 29.43 20.94 -29.81
N GLU A 268 29.70 22.23 -29.57
CA GLU A 268 31.08 22.69 -29.77
C GLU A 268 32.01 22.14 -28.72
N ASP A 269 33.29 22.05 -29.12
CA ASP A 269 34.43 21.80 -28.27
C ASP A 269 34.37 22.77 -27.09
N GLY A 270 34.65 22.25 -25.89
CA GLY A 270 34.71 23.06 -24.68
C GLY A 270 33.33 23.30 -24.08
N GLY A 271 32.33 22.53 -24.52
CA GLY A 271 30.94 22.85 -24.23
C GLY A 271 30.16 21.68 -23.64
N VAL A 272 29.08 22.01 -22.91
CA VAL A 272 28.36 21.12 -22.02
C VAL A 272 26.88 21.39 -22.27
N LEU A 273 26.06 20.33 -22.28
CA LEU A 273 24.63 20.48 -22.15
C LEU A 273 24.22 19.73 -20.89
N ALA A 274 23.18 20.24 -20.21
CA ALA A 274 22.60 19.58 -19.05
C ALA A 274 21.12 19.93 -18.92
N TYR A 275 20.36 18.97 -18.34
CA TYR A 275 18.93 19.05 -18.18
C TYR A 275 18.53 20.04 -17.07
N THR A 276 18.76 21.34 -17.30
CA THR A 276 18.52 22.37 -16.30
C THR A 276 18.66 23.76 -16.89
N ARG A 277 17.83 24.71 -16.42
CA ARG A 277 17.81 26.07 -16.93
C ARG A 277 18.51 26.97 -15.92
N ARG A 278 19.15 26.32 -14.94
CA ARG A 278 19.85 27.01 -13.88
C ARG A 278 20.97 27.90 -14.42
N TRP A 279 21.54 27.54 -15.59
CA TRP A 279 22.50 28.41 -16.25
C TRP A 279 21.93 28.91 -17.57
N LYS A 280 22.41 30.09 -18.02
CA LYS A 280 22.09 30.66 -19.31
C LYS A 280 23.17 30.23 -20.31
N PRO A 281 22.82 29.91 -21.57
CA PRO A 281 23.82 29.48 -22.56
C PRO A 281 24.92 30.53 -22.65
N GLY A 282 26.17 30.06 -22.60
CA GLY A 282 27.32 30.96 -22.60
C GLY A 282 28.02 31.06 -21.23
N GLU A 283 27.33 30.66 -20.14
CA GLU A 283 27.91 30.77 -18.81
C GLU A 283 28.93 29.65 -18.58
N ARG A 284 30.01 29.97 -17.86
CA ARG A 284 31.01 28.97 -17.49
C ARG A 284 30.51 28.20 -16.27
N VAL A 285 30.89 26.92 -16.17
CA VAL A 285 30.56 26.09 -15.03
C VAL A 285 31.73 25.14 -14.77
N ILE A 286 31.76 24.57 -13.56
CA ILE A 286 32.79 23.60 -13.23
C ILE A 286 32.23 22.19 -13.35
N PHE A 287 32.81 21.41 -14.26
CA PHE A 287 32.47 20.02 -14.41
C PHE A 287 33.34 19.22 -13.44
N ASN A 288 32.75 18.18 -12.84
CA ASN A 288 33.36 17.36 -11.81
C ASN A 288 32.88 15.92 -12.03
N ARG A 289 33.81 14.97 -12.04
CA ARG A 289 33.51 13.55 -12.04
C ARG A 289 34.37 12.91 -10.95
N ARG A 290 33.78 11.99 -10.18
CA ARG A 290 34.42 11.45 -8.98
C ARG A 290 35.01 10.07 -9.30
N PRO A 291 36.02 9.57 -8.54
CA PRO A 291 36.59 10.26 -7.39
C PRO A 291 37.36 11.52 -7.73
N ASP A 292 37.34 12.47 -6.79
CA ASP A 292 38.28 13.57 -6.81
C ASP A 292 39.69 12.99 -6.68
N LEU A 293 40.59 13.42 -7.58
CA LEU A 293 41.97 12.92 -7.54
C LEU A 293 42.90 13.99 -6.94
N PRO A 294 43.97 13.59 -6.21
CA PRO A 294 44.88 14.53 -5.55
C PRO A 294 45.42 15.73 -6.34
N THR A 295 45.54 15.60 -7.67
CA THR A 295 46.10 16.70 -8.45
C THR A 295 45.11 17.86 -8.52
N GLY A 296 43.82 17.56 -8.36
CA GLY A 296 42.75 18.56 -8.46
C GLY A 296 42.13 18.53 -9.86
N GLN A 297 42.43 17.44 -10.57
CA GLN A 297 42.24 17.35 -12.00
C GLN A 297 40.83 16.83 -12.32
N SER A 298 40.04 16.55 -11.27
CA SER A 298 38.69 16.01 -11.44
C SER A 298 37.69 17.14 -11.62
N ALA A 299 38.17 18.39 -11.52
CA ALA A 299 37.36 19.57 -11.75
C ALA A 299 37.93 20.38 -12.92
N VAL A 300 37.10 20.60 -13.97
CA VAL A 300 37.53 21.36 -15.13
C VAL A 300 36.48 22.42 -15.46
N GLU A 301 36.92 23.58 -15.95
CA GLU A 301 36.01 24.61 -16.41
C GLU A 301 35.59 24.34 -17.86
N LEU A 302 34.28 24.34 -18.09
CA LEU A 302 33.67 24.17 -19.41
C LEU A 302 32.51 25.15 -19.54
N THR A 303 31.93 25.26 -20.74
CA THR A 303 30.90 26.25 -21.03
C THR A 303 29.55 25.54 -21.17
N TYR A 304 28.58 26.03 -20.38
CA TYR A 304 27.20 25.56 -20.52
C TYR A 304 26.62 26.19 -21.78
N VAL A 305 26.30 25.34 -22.77
CA VAL A 305 25.93 25.83 -24.09
C VAL A 305 24.42 25.71 -24.30
N GLY A 306 23.74 24.86 -23.51
CA GLY A 306 22.29 24.81 -23.50
C GLY A 306 21.72 23.54 -22.85
N LEU A 307 20.49 23.19 -23.23
CA LEU A 307 19.74 22.09 -22.62
C LEU A 307 20.12 20.76 -23.24
N SER A 308 20.15 19.72 -22.42
CA SER A 308 20.30 18.38 -22.94
C SER A 308 18.94 17.88 -23.38
N PRO A 309 18.88 17.07 -24.46
CA PRO A 309 17.61 16.49 -24.91
C PRO A 309 17.20 15.26 -24.11
N ILE A 310 18.10 14.78 -23.23
CA ILE A 310 17.81 13.64 -22.38
C ILE A 310 17.73 14.15 -20.95
N ALA A 311 16.68 13.74 -20.22
CA ALA A 311 16.47 14.26 -18.87
C ALA A 311 17.51 13.71 -17.91
N ASP A 312 17.85 14.53 -16.91
CA ASP A 312 18.66 14.05 -15.79
C ASP A 312 20.02 13.63 -16.33
N SER A 313 20.64 14.52 -17.09
CA SER A 313 21.87 14.14 -17.76
C SER A 313 22.74 15.37 -18.01
N VAL A 314 24.03 15.10 -18.19
CA VAL A 314 25.02 16.04 -18.68
C VAL A 314 25.63 15.44 -19.94
N ILE A 315 25.71 16.25 -20.99
CA ILE A 315 26.44 15.86 -22.19
C ILE A 315 27.73 16.67 -22.28
N ALA A 316 28.85 15.94 -22.43
CA ALA A 316 30.16 16.55 -22.62
C ALA A 316 31.09 15.63 -23.40
N HIS A 317 31.92 16.23 -24.26
CA HIS A 317 32.92 15.55 -25.05
C HIS A 317 33.92 14.81 -24.18
N GLU A 318 34.25 13.58 -24.61
CA GLU A 318 35.25 12.70 -24.01
C GLU A 318 36.57 13.46 -23.86
N HIS A 319 36.97 14.17 -24.92
CA HIS A 319 38.24 14.88 -24.90
C HIS A 319 38.24 15.99 -23.86
N ASP A 320 37.07 16.54 -23.51
CA ASP A 320 37.00 17.70 -22.63
C ASP A 320 37.09 17.30 -21.17
N ILE A 321 36.80 16.03 -20.85
CA ILE A 321 36.64 15.58 -19.49
C ILE A 321 37.55 14.39 -19.24
N ALA A 322 38.53 14.19 -20.14
CA ALA A 322 39.43 13.06 -20.08
C ALA A 322 40.21 13.02 -18.77
N PRO A 323 40.76 14.15 -18.23
CA PRO A 323 41.60 14.12 -17.02
C PRO A 323 40.84 13.65 -15.78
N THR A 324 39.53 13.91 -15.77
CA THR A 324 38.63 13.60 -14.66
C THR A 324 38.40 12.10 -14.56
N GLY A 325 38.66 11.40 -15.68
CA GLY A 325 38.63 9.95 -15.79
C GLY A 325 37.27 9.41 -16.22
N ALA A 326 36.36 10.31 -16.63
CA ALA A 326 34.97 10.00 -16.91
C ALA A 326 34.83 9.03 -18.08
N ASP A 327 33.82 8.16 -18.01
CA ASP A 327 33.30 7.35 -19.12
C ASP A 327 31.78 7.46 -19.09
N TYR A 328 31.08 6.70 -19.94
CA TYR A 328 29.66 6.95 -20.16
C TYR A 328 28.85 5.74 -19.71
N ASP A 329 29.47 4.88 -18.90
CA ASP A 329 28.88 3.61 -18.53
C ASP A 329 28.24 3.69 -17.14
N GLY A 330 27.87 4.90 -16.71
CA GLY A 330 27.19 5.07 -15.45
C GLY A 330 27.75 6.21 -14.61
N ASP A 331 28.92 6.71 -15.02
CA ASP A 331 29.48 7.88 -14.39
C ASP A 331 28.43 8.97 -14.27
N ILE A 332 28.49 9.70 -13.16
CA ILE A 332 27.65 10.86 -12.92
C ILE A 332 28.50 12.10 -13.17
N GLY A 333 27.92 13.04 -13.92
CA GLY A 333 28.57 14.33 -14.05
C GLY A 333 27.94 15.33 -13.09
N TYR A 334 28.79 16.05 -12.35
CA TYR A 334 28.32 17.12 -11.49
C TYR A 334 28.85 18.43 -12.01
N VAL A 335 27.95 19.42 -12.00
CA VAL A 335 28.22 20.74 -12.54
C VAL A 335 28.08 21.68 -11.34
N PHE A 336 29.17 22.39 -11.00
CA PHE A 336 29.17 23.33 -9.89
C PHE A 336 29.39 24.75 -10.42
N PRO A 337 28.93 25.81 -9.70
CA PRO A 337 29.22 27.19 -10.09
C PRO A 337 30.73 27.40 -10.01
N THR A 338 31.24 28.26 -10.89
CA THR A 338 32.65 28.60 -10.87
C THR A 338 32.95 29.38 -9.59
N PRO A 339 34.23 29.45 -9.18
CA PRO A 339 34.62 30.34 -8.09
C PRO A 339 34.02 31.73 -8.19
N GLU A 340 34.06 32.34 -9.37
CA GLU A 340 33.66 33.74 -9.53
C GLU A 340 32.19 33.90 -9.15
N MET A 341 31.40 32.85 -9.34
CA MET A 341 29.97 32.98 -9.10
C MET A 341 29.60 32.11 -7.90
N GLY A 342 30.60 31.88 -7.03
CA GLY A 342 30.37 31.43 -5.66
C GLY A 342 30.77 29.98 -5.38
N GLY A 343 31.43 29.33 -6.34
CA GLY A 343 31.76 27.93 -6.23
C GLY A 343 32.92 27.71 -5.28
N LEU A 344 33.09 26.45 -4.84
CA LEU A 344 34.14 26.07 -3.89
C LEU A 344 35.21 25.23 -4.57
N TYR A 345 34.93 24.69 -5.76
CA TYR A 345 35.93 23.95 -6.53
C TYR A 345 36.57 24.86 -7.59
N MET A 346 37.91 24.80 -7.66
CA MET A 346 38.69 25.54 -8.63
C MET A 346 38.97 24.67 -9.84
N PRO A 347 38.89 25.24 -11.06
CA PRO A 347 39.15 24.49 -12.30
C PRO A 347 40.63 24.11 -12.38
N PHE A 348 40.90 22.90 -12.90
CA PHE A 348 42.26 22.40 -13.06
C PHE A 348 42.92 23.02 -14.29
N HIS A 349 44.14 23.50 -14.10
CA HIS A 349 44.88 24.18 -15.16
C HIS A 349 46.20 23.48 -15.44
N GLY A 350 46.60 22.56 -14.55
CA GLY A 350 47.86 21.85 -14.71
C GLY A 350 47.84 20.95 -15.95
N GLU A 351 49.01 20.39 -16.29
CA GLU A 351 49.04 19.32 -17.27
C GLU A 351 48.66 18.05 -16.52
N ALA A 352 48.03 17.10 -17.20
CA ALA A 352 47.50 15.95 -16.49
C ALA A 352 48.05 14.65 -17.06
N LEU A 353 47.59 14.32 -18.29
CA LEU A 353 47.50 12.98 -18.87
C LEU A 353 48.66 12.07 -18.46
N HIS A 354 48.30 11.03 -17.69
CA HIS A 354 49.24 10.08 -17.09
C HIS A 354 49.59 8.98 -18.09
N ARG A 355 50.39 8.00 -17.62
CA ARG A 355 51.09 7.03 -18.45
C ARG A 355 50.11 6.27 -19.35
N LYS A 356 50.65 5.82 -20.49
CA LYS A 356 49.91 5.23 -21.60
C LYS A 356 49.60 3.77 -21.29
N ASP A 357 50.61 3.05 -20.77
CA ASP A 357 50.50 1.61 -20.57
C ASP A 357 51.56 1.13 -19.58
N LEU A 358 51.15 0.21 -18.71
CA LEU A 358 52.02 -0.57 -17.84
C LEU A 358 51.85 -2.05 -18.20
N PRO A 359 52.84 -2.93 -17.94
CA PRO A 359 52.66 -4.37 -18.14
C PRO A 359 51.34 -4.89 -17.58
N THR A 360 50.56 -5.56 -18.43
CA THR A 360 49.19 -5.92 -18.09
C THR A 360 48.90 -7.34 -18.54
N LYS A 361 48.64 -8.21 -17.56
CA LYS A 361 48.09 -9.53 -17.77
C LYS A 361 46.61 -9.47 -17.41
N ASP A 362 45.78 -10.32 -18.01
CA ASP A 362 44.44 -10.55 -17.50
C ASP A 362 44.55 -11.35 -16.22
N TYR A 363 43.45 -11.44 -15.47
CA TYR A 363 43.41 -12.37 -14.36
C TYR A 363 43.17 -13.77 -14.91
N GLU A 364 43.60 -14.80 -14.15
CA GLU A 364 43.63 -16.17 -14.65
C GLU A 364 42.26 -16.84 -14.53
N SER A 365 41.52 -16.47 -13.47
CA SER A 365 40.12 -16.83 -13.30
C SER A 365 39.38 -15.65 -12.70
N GLY A 366 38.12 -15.87 -12.30
CA GLY A 366 37.28 -14.84 -11.72
C GLY A 366 37.56 -14.64 -10.23
N LEU A 367 38.14 -15.66 -9.60
CA LEU A 367 38.57 -15.56 -8.22
C LEU A 367 39.80 -14.66 -8.17
N HIS A 368 40.75 -14.92 -9.08
CA HIS A 368 41.92 -14.06 -9.26
C HIS A 368 41.48 -12.60 -9.30
N ARG A 369 40.41 -12.32 -10.06
CA ARG A 369 39.85 -10.98 -10.20
C ARG A 369 39.31 -10.49 -8.86
N TRP A 370 38.41 -11.27 -8.25
CA TRP A 370 37.90 -10.95 -6.92
C TRP A 370 39.06 -10.59 -5.98
N ALA A 371 40.11 -11.40 -6.01
CA ALA A 371 41.31 -11.18 -5.22
C ALA A 371 41.87 -9.77 -5.49
N GLY A 372 42.33 -9.56 -6.73
CA GLY A 372 42.90 -8.30 -7.15
C GLY A 372 42.04 -7.13 -6.69
N GLN A 373 40.73 -7.28 -6.89
CA GLN A 373 39.73 -6.30 -6.52
C GLN A 373 39.91 -5.92 -5.06
N VAL A 374 39.90 -6.95 -4.21
CA VAL A 374 39.89 -6.81 -2.76
C VAL A 374 41.18 -6.13 -2.32
N HIS A 375 42.31 -6.65 -2.83
CA HIS A 375 43.64 -6.14 -2.59
C HIS A 375 43.70 -4.66 -2.95
N ALA A 376 43.40 -4.36 -4.23
CA ALA A 376 43.42 -3.02 -4.81
C ALA A 376 42.60 -2.05 -3.97
N ALA A 377 41.39 -2.45 -3.59
CA ALA A 377 40.47 -1.60 -2.85
C ALA A 377 41.14 -1.02 -1.60
N HIS A 378 41.96 -1.85 -0.94
CA HIS A 378 42.65 -1.41 0.27
C HIS A 378 43.68 -0.34 -0.09
N ILE A 379 44.56 -0.68 -1.04
CA ILE A 379 45.61 0.21 -1.50
C ILE A 379 45.02 1.56 -1.90
N LEU A 380 43.88 1.54 -2.60
CA LEU A 380 43.17 2.76 -2.96
C LEU A 380 42.97 3.65 -1.73
N GLY A 381 42.29 3.10 -0.73
CA GLY A 381 42.04 3.80 0.52
C GLY A 381 43.32 4.29 1.17
N ARG A 382 44.37 3.43 1.11
CA ARG A 382 45.63 3.77 1.72
C ARG A 382 46.19 5.06 1.11
N VAL A 383 46.35 5.06 -0.22
CA VAL A 383 46.90 6.18 -0.97
C VAL A 383 46.08 7.44 -0.69
N GLU A 384 44.75 7.24 -0.71
CA GLU A 384 43.78 8.32 -0.54
C GLU A 384 44.06 9.04 0.78
N VAL A 385 44.03 8.27 1.88
CA VAL A 385 44.11 8.77 3.25
C VAL A 385 45.50 9.34 3.50
N ASN A 386 46.52 8.59 3.07
CA ASN A 386 47.90 9.01 3.23
C ASN A 386 48.10 10.39 2.62
N THR A 387 47.62 10.57 1.37
CA THR A 387 47.82 11.81 0.65
C THR A 387 47.13 12.94 1.40
N ARG A 388 45.90 12.67 1.86
CA ARG A 388 45.16 13.72 2.52
C ARG A 388 45.88 14.10 3.82
N ARG A 389 46.35 13.09 4.56
CA ARG A 389 47.15 13.35 5.74
C ARG A 389 48.35 14.23 5.41
N LEU A 390 49.09 13.88 4.35
CA LEU A 390 50.31 14.61 3.99
C LEU A 390 49.99 16.09 3.78
N LEU A 391 48.86 16.39 3.15
CA LEU A 391 48.48 17.78 2.94
C LEU A 391 48.26 18.45 4.29
N ASP A 392 47.88 17.65 5.29
CA ASP A 392 47.66 18.15 6.62
C ASP A 392 49.00 18.58 7.21
N ALA A 393 49.96 17.64 7.33
CA ALA A 393 51.29 17.96 7.83
C ALA A 393 51.87 19.14 7.05
N ALA A 394 51.82 19.08 5.71
CA ALA A 394 52.37 20.13 4.87
C ALA A 394 51.84 21.49 5.30
N TRP A 395 50.50 21.62 5.34
CA TRP A 395 49.89 22.92 5.55
C TRP A 395 50.18 23.42 6.96
N ALA A 396 50.24 22.46 7.90
CA ALA A 396 50.61 22.76 9.27
C ALA A 396 51.94 23.51 9.26
N ASN A 397 52.92 22.93 8.56
CA ASN A 397 54.30 23.38 8.53
C ASN A 397 54.52 24.52 7.54
N GLY A 398 53.45 25.26 7.21
CA GLY A 398 53.53 26.43 6.36
C GLY A 398 53.82 26.13 4.87
N GLU A 399 53.85 24.85 4.47
CA GLU A 399 54.38 24.46 3.18
C GLU A 399 53.28 24.07 2.18
N GLU A 400 53.35 22.83 1.66
CA GLU A 400 52.49 22.34 0.59
C GLU A 400 53.07 21.03 0.05
N VAL A 401 52.20 20.10 -0.38
CA VAL A 401 52.68 18.86 -0.97
C VAL A 401 52.98 19.12 -2.45
N SER A 402 54.26 18.99 -2.78
CA SER A 402 54.80 19.09 -4.12
C SER A 402 53.93 18.35 -5.15
N GLN A 403 53.67 19.01 -6.29
CA GLN A 403 52.71 18.56 -7.28
C GLN A 403 53.13 17.21 -7.88
N ASP A 404 54.44 16.96 -7.91
CA ASP A 404 54.94 15.70 -8.45
C ASP A 404 54.37 14.52 -7.65
N TYR A 405 54.14 14.74 -6.34
CA TYR A 405 53.74 13.66 -5.45
C TYR A 405 52.25 13.36 -5.62
N LEU A 406 51.44 14.42 -5.73
CA LEU A 406 50.04 14.29 -6.05
C LEU A 406 49.86 13.50 -7.35
N HIS A 407 50.65 13.82 -8.40
CA HIS A 407 50.61 13.08 -9.65
C HIS A 407 50.91 11.59 -9.40
N ALA A 408 51.90 11.34 -8.53
CA ALA A 408 52.30 9.98 -8.20
C ALA A 408 51.14 9.26 -7.50
N ALA A 409 50.51 9.96 -6.56
CA ALA A 409 49.38 9.41 -5.81
C ALA A 409 48.23 9.13 -6.78
N THR A 410 47.91 10.14 -7.59
CA THR A 410 46.87 10.01 -8.59
C THR A 410 47.12 8.76 -9.42
N GLU A 411 48.39 8.51 -9.79
CA GLU A 411 48.70 7.40 -10.68
C GLU A 411 48.41 6.08 -9.96
N MET A 412 48.67 6.04 -8.63
CA MET A 412 48.41 4.83 -7.86
C MET A 412 46.91 4.57 -7.79
N ILE A 413 46.15 5.62 -7.46
CA ILE A 413 44.71 5.53 -7.29
C ILE A 413 44.07 4.94 -8.54
N GLN A 414 44.48 5.40 -9.72
CA GLN A 414 43.75 5.00 -10.91
C GLN A 414 44.22 3.66 -11.47
N VAL A 415 45.43 3.22 -11.10
CA VAL A 415 45.84 1.84 -11.34
C VAL A 415 45.10 0.92 -10.38
N ALA A 416 44.90 1.39 -9.13
CA ALA A 416 44.09 0.68 -8.15
C ALA A 416 42.69 0.43 -8.71
N VAL A 417 42.11 1.47 -9.33
CA VAL A 417 40.76 1.39 -9.86
C VAL A 417 40.76 0.46 -11.08
N ASP A 418 41.82 0.55 -11.88
CA ASP A 418 41.94 -0.30 -13.07
C ASP A 418 42.13 -1.76 -12.66
N ARG A 419 42.77 -1.99 -11.51
CA ARG A 419 43.08 -3.34 -11.06
C ARG A 419 41.82 -4.07 -10.59
N GLN A 420 40.67 -3.40 -10.67
CA GLN A 420 39.41 -4.04 -10.36
C GLN A 420 38.99 -4.88 -11.55
N LYS A 421 39.85 -4.85 -12.59
CA LYS A 421 39.54 -5.31 -13.94
C LYS A 421 40.65 -6.24 -14.44
N ARG A 422 41.91 -5.85 -14.26
CA ARG A 422 43.01 -6.61 -14.84
C ARG A 422 44.27 -6.50 -13.97
N ASP A 423 45.16 -7.49 -14.10
CA ASP A 423 46.42 -7.58 -13.37
C ASP A 423 47.42 -6.58 -13.96
N ILE A 424 47.52 -5.39 -13.34
CA ILE A 424 48.38 -4.33 -13.81
C ILE A 424 49.48 -4.08 -12.77
N GLN A 425 50.68 -3.77 -13.25
CA GLN A 425 51.83 -3.55 -12.38
C GLN A 425 51.69 -2.19 -11.70
N TRP A 426 51.80 -2.18 -10.37
CA TRP A 426 51.71 -0.95 -9.61
C TRP A 426 52.90 -0.06 -9.95
N PRO A 427 52.70 1.28 -10.10
CA PRO A 427 53.83 2.21 -10.17
C PRO A 427 54.53 2.31 -8.82
N ASP A 428 55.81 2.71 -8.83
CA ASP A 428 56.60 2.89 -7.62
C ASP A 428 56.09 4.13 -6.91
N PHE A 429 55.96 4.04 -5.57
CA PHE A 429 55.30 5.06 -4.79
C PHE A 429 55.63 4.88 -3.32
N ASP A 430 56.37 5.85 -2.74
CA ASP A 430 56.71 5.83 -1.33
C ASP A 430 55.51 6.36 -0.54
N PHE A 431 55.05 5.59 0.45
CA PHE A 431 54.14 6.13 1.45
C PHE A 431 54.97 6.81 2.53
N LYS A 432 54.82 8.13 2.63
CA LYS A 432 55.17 8.80 3.85
C LYS A 432 54.11 8.39 4.87
N THR A 433 54.43 8.47 6.17
CA THR A 433 53.49 8.15 7.23
C THR A 433 53.62 9.16 8.37
N ILE A 434 52.47 9.52 8.95
CA ILE A 434 52.37 10.66 9.84
C ILE A 434 52.21 10.13 11.26
N LYS A 435 52.93 10.73 12.22
CA LYS A 435 52.93 10.21 13.58
C LYS A 435 52.03 11.06 14.47
N ASP A 436 51.12 11.82 13.83
CA ASP A 436 50.31 12.79 14.54
C ASP A 436 48.86 12.68 14.09
N PRO A 437 47.91 13.01 14.99
CA PRO A 437 46.51 13.18 14.58
C PRO A 437 46.34 14.42 13.68
N VAL A 438 45.91 14.18 12.44
CA VAL A 438 45.78 15.27 11.48
C VAL A 438 44.29 15.50 11.17
N MET A 439 43.99 16.76 10.82
CA MET A 439 42.64 17.22 10.48
C MET A 439 41.92 16.21 9.59
N THR A 440 42.66 15.45 8.78
CA THR A 440 42.03 14.44 7.95
C THR A 440 41.37 13.40 8.84
N ASP A 441 42.04 13.07 9.95
CA ASP A 441 41.52 12.10 10.91
C ASP A 441 40.21 12.62 11.50
N PHE A 442 40.15 13.94 11.74
CA PHE A 442 38.94 14.60 12.20
C PHE A 442 37.81 14.42 11.19
N TRP A 443 38.06 14.75 9.91
CA TRP A 443 37.01 14.65 8.90
C TRP A 443 36.50 13.21 8.74
N ARG A 444 37.35 12.19 8.98
CA ARG A 444 36.91 10.81 8.80
C ARG A 444 35.88 10.46 9.88
N LEU A 445 36.05 11.09 11.06
CA LEU A 445 35.12 11.05 12.17
C LEU A 445 33.85 11.85 11.85
N ALA A 446 34.02 13.16 11.56
CA ALA A 446 32.93 14.11 11.48
C ALA A 446 32.09 13.93 10.21
N VAL A 447 32.72 13.46 9.13
CA VAL A 447 32.05 13.37 7.85
C VAL A 447 32.48 12.06 7.17
N PRO A 448 32.23 10.89 7.80
CA PRO A 448 32.74 9.62 7.28
C PRO A 448 32.39 9.44 5.81
N GLY A 449 33.43 9.30 4.96
CA GLY A 449 33.31 9.04 3.52
C GLY A 449 33.44 10.31 2.67
N GLY A 450 33.43 11.48 3.31
CA GLY A 450 33.61 12.76 2.67
C GLY A 450 32.32 13.41 2.16
N LYS A 451 31.19 12.68 2.12
CA LYS A 451 29.96 13.31 1.65
C LYS A 451 29.34 14.13 2.77
N LEU A 452 28.89 15.35 2.47
CA LEU A 452 28.17 16.14 3.47
C LEU A 452 26.79 15.54 3.77
N THR A 453 26.28 14.64 2.92
CA THR A 453 25.03 13.94 3.21
C THR A 453 25.35 12.58 3.83
N PRO A 454 25.13 12.39 5.16
CA PRO A 454 25.43 11.11 5.81
C PRO A 454 24.40 10.09 5.30
N GLU A 455 24.62 8.80 5.56
CA GLU A 455 23.54 7.83 5.43
C GLU A 455 23.24 7.20 6.81
N GLY A 456 22.12 7.63 7.40
CA GLY A 456 21.85 7.50 8.83
C GLY A 456 21.58 6.08 9.30
N ASN A 457 22.50 5.16 8.96
CA ASN A 457 22.49 3.80 9.45
C ASN A 457 23.02 3.77 10.88
N THR A 458 23.94 4.70 11.17
CA THR A 458 24.67 4.74 12.43
C THR A 458 23.72 5.05 13.59
N PRO A 459 23.71 4.23 14.66
CA PRO A 459 22.68 4.29 15.69
C PRO A 459 22.77 5.49 16.64
N ALA A 460 21.63 5.82 17.28
CA ALA A 460 21.42 6.98 18.12
C ALA A 460 22.56 7.19 19.11
N ALA A 461 23.13 6.07 19.59
CA ALA A 461 24.19 6.09 20.58
C ALA A 461 25.39 6.87 20.03
N LYS A 462 25.71 6.59 18.75
CA LYS A 462 27.01 6.95 18.20
C LYS A 462 26.98 8.33 17.54
N ILE A 463 25.81 8.75 17.00
CA ILE A 463 25.77 9.99 16.23
C ILE A 463 26.14 11.17 17.11
N THR A 464 25.70 11.17 18.37
CA THR A 464 26.03 12.30 19.23
C THR A 464 27.55 12.39 19.40
N ASN A 465 28.23 11.24 19.49
CA ASN A 465 29.68 11.25 19.68
C ASN A 465 30.36 11.87 18.46
N ARG A 466 29.85 11.51 17.26
CA ARG A 466 30.37 12.03 16.00
C ARG A 466 30.42 13.56 16.06
N TRP A 467 29.27 14.19 16.35
CA TRP A 467 29.17 15.64 16.33
C TRP A 467 29.89 16.27 17.53
N ARG A 468 30.15 15.46 18.57
CA ARG A 468 30.90 15.90 19.74
C ARG A 468 32.39 16.03 19.40
N ALA A 469 32.85 15.27 18.39
CA ALA A 469 34.20 15.38 17.87
C ALA A 469 34.54 16.83 17.49
N TRP A 470 33.54 17.66 17.17
CA TRP A 470 33.78 19.05 16.81
C TRP A 470 34.44 19.84 17.94
N GLU A 471 34.57 19.23 19.12
CA GLU A 471 35.08 19.96 20.28
C GLU A 471 36.60 19.84 20.36
N THR A 472 37.17 18.96 19.54
CA THR A 472 38.53 18.47 19.69
C THR A 472 39.42 18.96 18.54
N LEU A 473 39.04 20.10 17.91
CA LEU A 473 39.72 20.61 16.72
C LEU A 473 41.18 20.92 17.04
N ASP A 474 41.41 21.53 18.21
CA ASP A 474 42.73 21.98 18.62
C ASP A 474 43.70 20.81 18.72
N GLY A 475 43.18 19.59 18.90
CA GLY A 475 44.05 18.45 19.15
C GLY A 475 44.52 17.78 17.87
N TYR A 476 44.24 18.42 16.73
CA TYR A 476 44.51 17.90 15.40
C TYR A 476 45.50 18.81 14.66
N VAL A 477 46.48 18.22 13.99
CA VAL A 477 47.38 19.07 13.24
C VAL A 477 46.86 19.26 11.81
N GLY A 478 46.95 20.52 11.35
CA GLY A 478 46.71 20.86 9.97
C GLY A 478 46.81 22.37 9.78
N HIS A 479 46.23 22.85 8.68
CA HIS A 479 46.27 24.25 8.32
C HIS A 479 45.91 25.13 9.52
N PRO A 480 46.79 26.06 9.94
CA PRO A 480 46.43 27.06 10.96
C PRO A 480 45.08 27.74 10.75
N ASP A 481 44.78 28.19 9.53
CA ASP A 481 43.60 29.02 9.29
C ASP A 481 42.33 28.15 9.17
N MET A 482 42.50 26.91 8.70
CA MET A 482 41.40 25.95 8.65
C MET A 482 40.84 25.82 10.07
N LYS A 483 41.68 25.34 10.99
CA LYS A 483 41.32 25.07 12.37
C LYS A 483 40.71 26.29 13.05
N ASP A 484 41.33 27.45 12.85
CA ASP A 484 40.85 28.63 13.55
C ASP A 484 39.55 29.14 12.93
N GLY A 485 39.43 29.03 11.59
CA GLY A 485 38.26 29.45 10.85
C GLY A 485 37.05 28.59 11.21
N LEU A 486 37.28 27.30 11.52
CA LEU A 486 36.21 26.33 11.79
C LEU A 486 35.57 26.52 13.17
N LYS A 487 36.05 27.49 13.97
CA LYS A 487 35.67 27.53 15.37
C LYS A 487 34.21 27.96 15.54
N PRO A 488 33.75 29.06 14.90
CA PRO A 488 32.34 29.45 14.96
C PRO A 488 31.35 28.33 14.59
N LEU A 489 31.72 27.54 13.59
CA LEU A 489 30.92 26.39 13.19
C LEU A 489 30.89 25.35 14.31
N ALA A 490 32.04 25.08 14.95
CA ALA A 490 32.06 24.13 16.05
C ALA A 490 31.19 24.63 17.20
N SER A 491 31.19 25.95 17.40
CA SER A 491 30.36 26.64 18.39
C SER A 491 28.90 26.33 18.10
N LYS A 492 28.47 26.65 16.87
CA LYS A 492 27.11 26.40 16.40
C LYS A 492 26.74 24.94 16.68
N VAL A 493 27.55 23.99 16.17
CA VAL A 493 27.28 22.59 16.43
C VAL A 493 27.02 22.44 17.92
N SER A 494 27.84 23.09 18.74
CA SER A 494 27.88 22.84 20.17
C SER A 494 26.62 23.32 20.88
N ARG A 495 26.14 24.50 20.52
CA ARG A 495 24.92 25.00 21.14
C ARG A 495 23.75 24.10 20.79
N VAL A 496 23.69 23.66 19.52
CA VAL A 496 22.59 22.82 19.05
C VAL A 496 22.58 21.52 19.84
N LEU A 497 23.75 20.92 20.02
CA LEU A 497 23.82 19.67 20.76
C LEU A 497 23.37 19.88 22.20
N ALA A 498 23.89 20.96 22.82
CA ALA A 498 23.63 21.26 24.22
C ALA A 498 22.14 21.53 24.42
N ARG A 499 21.53 22.22 23.45
CA ARG A 499 20.13 22.60 23.58
C ARG A 499 19.24 21.36 23.68
N GLY A 500 19.69 20.24 23.12
CA GLY A 500 18.84 19.06 23.08
C GLY A 500 19.31 17.98 24.05
N GLU A 501 20.46 18.19 24.72
CA GLU A 501 21.10 17.09 25.46
C GLU A 501 20.11 16.39 26.39
N HIS A 502 19.42 17.13 27.28
CA HIS A 502 18.63 16.42 28.27
C HIS A 502 17.12 16.54 28.01
N ARG A 503 16.77 16.80 26.76
CA ARG A 503 15.38 16.83 26.34
C ARG A 503 14.99 15.47 25.74
N ARG A 504 14.71 14.50 26.63
CA ARG A 504 14.42 13.12 26.24
C ARG A 504 12.95 13.01 25.82
N PRO A 505 12.58 12.06 24.93
CA PRO A 505 11.20 11.96 24.44
C PRO A 505 10.18 11.27 25.34
N GLY A 506 10.68 10.47 26.28
CA GLY A 506 9.82 9.57 27.03
C GLY A 506 8.67 10.29 27.72
N PRO A 507 8.95 11.41 28.45
CA PRO A 507 7.89 12.19 29.09
C PRO A 507 6.84 12.74 28.13
N VAL A 508 7.27 13.17 26.94
CA VAL A 508 6.32 13.63 25.94
C VAL A 508 5.49 12.46 25.40
N LEU A 509 6.11 11.29 25.25
CA LEU A 509 5.35 10.15 24.76
C LEU A 509 4.28 9.80 25.79
N ALA A 510 4.65 9.80 27.10
CA ALA A 510 3.71 9.51 28.18
C ALA A 510 2.58 10.52 28.17
N ALA A 511 2.95 11.81 28.00
CA ALA A 511 1.98 12.89 28.00
C ALA A 511 0.96 12.70 26.89
N LEU A 512 1.41 12.34 25.67
CA LEU A 512 0.50 12.26 24.54
C LEU A 512 -0.51 11.14 24.77
N ALA A 513 -0.07 10.08 25.46
CA ALA A 513 -0.91 8.94 25.79
C ALA A 513 -2.12 9.39 26.61
N PHE A 514 -1.90 10.30 27.56
CA PHE A 514 -2.95 10.81 28.44
C PHE A 514 -3.82 11.88 27.75
N ALA A 515 -3.21 12.72 26.92
CA ALA A 515 -3.91 13.87 26.36
C ALA A 515 -4.87 13.46 25.24
N LEU A 516 -4.44 12.51 24.40
CA LEU A 516 -5.19 12.09 23.23
C LEU A 516 -6.43 11.35 23.71
N PRO A 517 -7.57 11.36 22.98
CA PRO A 517 -8.76 10.62 23.42
C PRO A 517 -8.56 9.12 23.26
N ALA A 518 -9.35 8.29 23.95
CA ALA A 518 -9.32 6.85 23.77
C ALA A 518 -9.46 6.52 22.29
N PRO A 519 -8.85 5.41 21.80
CA PRO A 519 -8.93 5.05 20.38
C PRO A 519 -10.32 4.63 19.94
N GLU A 520 -10.72 5.09 18.74
CA GLU A 520 -11.97 4.68 18.14
C GLU A 520 -11.98 3.17 17.89
N PRO A 521 -13.13 2.55 17.55
CA PRO A 521 -13.19 1.11 17.29
C PRO A 521 -12.23 0.66 16.20
N ARG A 522 -11.60 -0.50 16.43
CA ARG A 522 -10.62 -1.03 15.50
C ARG A 522 -10.76 -2.55 15.41
N PRO A 523 -10.43 -3.15 14.24
CA PRO A 523 -10.48 -4.60 14.07
C PRO A 523 -9.61 -5.37 15.06
N LYS A 524 -10.03 -6.60 15.35
CA LYS A 524 -9.41 -7.43 16.38
C LYS A 524 -7.99 -7.80 15.97
N GLU A 525 -7.74 -7.87 14.65
CA GLU A 525 -6.41 -8.11 14.10
C GLU A 525 -5.45 -7.02 14.52
N VAL A 526 -5.96 -5.78 14.62
CA VAL A 526 -5.18 -4.65 15.13
C VAL A 526 -5.02 -4.75 16.64
N GLU A 527 -6.14 -4.93 17.37
CA GLU A 527 -6.02 -5.11 18.82
C GLU A 527 -4.93 -6.13 19.10
N ASP A 528 -4.92 -7.20 18.29
CA ASP A 528 -4.13 -8.38 18.54
C ASP A 528 -2.65 -8.11 18.20
N LEU A 529 -2.40 -7.46 17.06
CA LEU A 529 -1.04 -7.08 16.71
C LEU A 529 -0.42 -6.22 17.80
N LEU A 530 -1.14 -5.16 18.24
CA LEU A 530 -0.62 -4.21 19.21
C LEU A 530 -0.29 -4.93 20.51
N THR A 531 -1.18 -5.86 20.90
CA THR A 531 -0.95 -6.68 22.08
C THR A 531 0.33 -7.49 21.89
N ALA A 532 0.48 -8.07 20.69
CA ALA A 532 1.60 -8.94 20.38
C ALA A 532 2.90 -8.14 20.50
N GLY A 533 2.95 -6.98 19.82
CA GLY A 533 4.08 -6.08 19.94
C GLY A 533 4.44 -5.83 21.40
N LEU A 534 3.51 -5.28 22.18
CA LEU A 534 3.80 -4.87 23.54
C LEU A 534 4.37 -6.03 24.35
N GLN A 535 3.74 -7.20 24.24
CA GLN A 535 4.03 -8.33 25.11
C GLN A 535 5.36 -8.99 24.77
N SER A 536 6.10 -8.46 23.79
CA SER A 536 7.30 -9.15 23.33
C SER A 536 8.43 -8.18 23.01
N GLY A 537 8.13 -6.88 22.93
CA GLY A 537 9.15 -5.87 22.74
C GLY A 537 9.43 -5.59 21.27
N LYS A 538 8.39 -5.72 20.43
CA LYS A 538 8.56 -5.54 18.98
C LYS A 538 7.57 -4.50 18.49
N ARG A 539 7.13 -3.63 19.41
CA ARG A 539 6.29 -2.47 19.11
C ARG A 539 6.64 -1.93 17.72
N HIS A 540 7.94 -1.75 17.49
CA HIS A 540 8.41 -1.04 16.31
C HIS A 540 8.07 -1.82 15.04
N ALA A 541 8.16 -3.15 15.10
CA ALA A 541 7.84 -3.94 13.93
C ALA A 541 6.34 -3.83 13.65
N VAL A 542 5.55 -3.97 14.72
CA VAL A 542 4.11 -3.81 14.62
C VAL A 542 3.76 -2.42 14.10
N TYR A 543 4.41 -1.38 14.66
CA TYR A 543 4.10 -0.02 14.26
C TYR A 543 4.42 0.16 12.79
N ASP A 544 5.51 -0.47 12.33
CA ASP A 544 5.89 -0.36 10.92
C ASP A 544 4.81 -1.04 10.08
N ALA A 545 4.32 -2.19 10.55
CA ALA A 545 3.29 -2.91 9.83
C ALA A 545 2.02 -2.07 9.70
N LEU A 546 1.57 -1.49 10.83
CA LEU A 546 0.30 -0.77 10.82
C LEU A 546 0.43 0.50 9.98
N VAL A 547 1.62 1.11 9.96
CA VAL A 547 1.82 2.24 9.07
C VAL A 547 1.60 1.76 7.64
N GLN A 548 2.22 0.62 7.29
CA GLN A 548 2.17 0.11 5.92
C GLN A 548 0.75 -0.31 5.59
N MET A 549 0.10 -1.06 6.50
CA MET A 549 -1.24 -1.52 6.23
C MET A 549 -2.21 -0.33 6.17
N GLY A 550 -1.72 0.86 6.55
CA GLY A 550 -2.49 2.11 6.49
C GLY A 550 -3.56 2.26 7.58
N LEU A 551 -3.23 1.95 8.84
CA LEU A 551 -4.13 2.17 9.98
C LEU A 551 -4.38 3.66 10.14
N PRO A 552 -5.62 4.11 10.46
CA PRO A 552 -5.88 5.53 10.65
C PRO A 552 -5.60 5.99 12.10
N ALA A 553 -5.29 7.28 12.24
CA ALA A 553 -4.72 7.82 13.48
C ALA A 553 -5.66 7.57 14.66
N SER A 554 -6.96 7.79 14.41
CA SER A 554 -7.98 7.72 15.44
C SER A 554 -7.92 6.39 16.18
N GLN A 555 -7.30 5.37 15.57
CA GLN A 555 -7.35 4.04 16.14
C GLN A 555 -6.03 3.66 16.79
N ALA A 556 -5.14 4.65 16.96
CA ALA A 556 -3.78 4.37 17.37
C ALA A 556 -3.38 5.18 18.61
N THR A 557 -4.31 5.99 19.13
CA THR A 557 -4.01 7.00 20.14
C THR A 557 -3.49 6.41 21.45
N ASP A 558 -3.57 5.08 21.65
CA ASP A 558 -2.94 4.46 22.81
C ASP A 558 -1.48 4.10 22.50
N HIS A 559 -1.06 4.29 21.24
CA HIS A 559 0.31 4.04 20.83
C HIS A 559 0.92 5.33 20.29
N PRO A 560 1.35 6.24 21.19
CA PRO A 560 1.80 7.58 20.78
C PRO A 560 2.81 7.58 19.64
N GLU A 561 3.80 6.68 19.72
CA GLU A 561 4.82 6.59 18.69
C GLU A 561 4.21 6.19 17.38
N LEU A 562 3.28 5.24 17.41
CA LEU A 562 2.60 4.86 16.19
C LEU A 562 1.79 6.06 15.71
N TRP A 563 1.05 6.67 16.66
CA TRP A 563 0.10 7.73 16.41
C TRP A 563 0.78 8.89 15.69
N LEU A 564 1.95 9.29 16.19
CA LEU A 564 2.70 10.40 15.63
C LEU A 564 3.02 10.15 14.17
N ARG A 565 3.06 8.88 13.77
CA ARG A 565 3.41 8.49 12.41
C ARG A 565 2.18 8.49 11.48
N LEU A 566 0.95 8.49 12.02
CA LEU A 566 -0.26 8.47 11.21
C LEU A 566 -1.03 9.79 11.23
N ALA A 567 -0.83 10.62 12.25
CA ALA A 567 -1.63 11.82 12.45
C ALA A 567 -1.38 12.86 11.35
N SER A 568 -2.41 13.66 11.06
CA SER A 568 -2.25 14.76 10.13
C SER A 568 -1.58 15.97 10.79
N LYS A 569 -1.20 16.93 9.93
CA LYS A 569 -0.61 18.19 10.32
C LYS A 569 -1.52 18.86 11.34
N GLU A 570 -2.83 18.77 11.11
CA GLU A 570 -3.81 19.46 11.93
C GLU A 570 -3.96 18.72 13.26
N GLU A 571 -3.88 17.39 13.20
CA GLU A 571 -4.04 16.61 14.41
C GLU A 571 -2.84 16.80 15.34
N LEU A 572 -1.65 16.94 14.74
CA LEU A 572 -0.41 17.13 15.47
C LEU A 572 -0.41 18.52 16.09
N GLU A 573 -0.61 19.55 15.24
CA GLU A 573 -0.71 20.92 15.71
C GLU A 573 -1.65 20.98 16.90
N ALA A 574 -2.84 20.37 16.76
CA ALA A 574 -3.83 20.53 17.79
C ALA A 574 -3.32 20.01 19.13
N VAL A 575 -2.65 18.84 19.14
CA VAL A 575 -2.40 18.23 20.43
C VAL A 575 -1.14 18.85 21.04
N PHE A 576 -0.25 19.36 20.19
CA PHE A 576 0.92 20.08 20.64
C PHE A 576 0.50 21.38 21.34
N LYS A 577 -0.49 22.09 20.78
CA LYS A 577 -1.01 23.30 21.39
C LYS A 577 -1.59 22.94 22.75
N GLN A 578 -2.34 21.84 22.80
CA GLN A 578 -2.97 21.41 24.02
C GLN A 578 -1.93 21.22 25.13
N LEU A 579 -0.73 20.76 24.78
CA LEU A 579 0.24 20.43 25.82
C LEU A 579 1.20 21.59 25.99
N GLY A 580 1.05 22.57 25.09
CA GLY A 580 1.73 23.86 25.14
C GLY A 580 3.23 23.73 24.98
N TYR A 581 3.65 22.91 24.02
CA TYR A 581 5.05 22.71 23.70
C TYR A 581 5.57 23.82 22.82
N ARG A 582 6.80 24.23 23.09
CA ARG A 582 7.46 25.21 22.24
C ARG A 582 7.99 24.53 20.98
N PRO A 583 7.59 24.99 19.78
CA PRO A 583 8.08 24.41 18.53
C PRO A 583 9.60 24.21 18.52
N ALA A 584 10.02 22.98 18.20
CA ALA A 584 11.43 22.64 18.20
C ALA A 584 12.22 23.64 17.35
N MET A 585 11.66 24.02 16.19
CA MET A 585 12.42 24.85 15.27
C MET A 585 12.76 26.20 15.88
N GLU A 586 11.80 26.84 16.56
CA GLU A 586 12.05 28.06 17.32
C GLU A 586 13.25 27.88 18.26
N GLU A 587 13.23 26.80 19.05
CA GLU A 587 14.33 26.51 19.96
C GLU A 587 15.63 26.33 19.17
N LEU A 588 15.59 25.53 18.08
CA LEU A 588 16.79 25.24 17.30
C LEU A 588 17.38 26.50 16.66
N GLU A 589 16.53 27.44 16.20
CA GLU A 589 16.98 28.65 15.53
C GLU A 589 17.78 29.49 16.53
N GLU A 590 17.17 29.65 17.71
CA GLU A 590 17.74 30.40 18.81
C GLU A 590 19.12 29.84 19.15
N ALA A 591 19.24 28.50 19.17
CA ALA A 591 20.52 27.88 19.46
C ALA A 591 21.54 28.22 18.38
N LEU A 592 21.11 28.15 17.10
CA LEU A 592 21.97 28.45 15.96
C LEU A 592 22.46 29.90 16.07
N ASN A 593 21.54 30.82 16.31
CA ASN A 593 21.80 32.26 16.22
C ASN A 593 22.52 32.81 17.45
N ALA A 594 22.62 32.03 18.53
CA ALA A 594 22.81 32.57 19.87
C ALA A 594 24.18 33.21 20.10
N VAL A 595 24.38 33.70 21.33
CA VAL A 595 25.52 34.46 21.80
C VAL A 595 26.83 33.75 21.41
N HIS B 1 -9.40 -1.23 6.21
CA HIS B 1 -8.33 -0.61 7.06
C HIS B 1 -8.34 0.89 6.80
N MET B 2 -8.29 1.23 5.51
CA MET B 2 -8.45 2.58 5.00
C MET B 2 -9.90 3.04 5.17
N GLY B 3 -10.84 2.46 4.39
CA GLY B 3 -12.25 2.78 4.43
C GLY B 3 -12.68 3.24 5.83
N THR B 4 -12.96 4.55 5.98
CA THR B 4 -13.44 5.15 7.22
C THR B 4 -14.73 5.95 6.97
N ARG B 5 -15.46 6.26 8.04
CA ARG B 5 -16.75 6.94 7.95
C ARG B 5 -16.61 8.34 7.34
N ILE B 6 -17.63 8.75 6.57
CA ILE B 6 -17.74 10.10 6.01
C ILE B 6 -17.66 11.12 7.14
N GLY B 7 -18.27 10.80 8.29
CA GLY B 7 -18.20 11.68 9.45
C GLY B 7 -16.76 12.01 9.84
N THR B 8 -15.93 10.96 9.97
CA THR B 8 -14.56 11.13 10.42
C THR B 8 -13.72 11.84 9.36
N LEU B 9 -14.08 11.70 8.07
CA LEU B 9 -13.41 12.49 7.03
C LEU B 9 -13.87 13.95 7.08
N LEU B 10 -14.92 14.24 7.86
CA LEU B 10 -15.52 15.57 7.90
C LEU B 10 -15.05 16.29 9.15
N GLY B 11 -14.55 15.51 10.13
CA GLY B 11 -13.95 16.03 11.35
C GLY B 11 -14.73 15.61 12.60
N TRP B 12 -15.80 14.84 12.38
CA TRP B 12 -16.72 14.44 13.45
C TRP B 12 -16.08 13.36 14.32
N ASN B 13 -16.45 13.38 15.60
CA ASN B 13 -15.97 12.39 16.55
C ASN B 13 -17.02 11.29 16.64
N LEU B 14 -16.69 10.23 17.38
CA LEU B 14 -17.44 8.99 17.32
C LEU B 14 -17.25 8.20 18.62
N LEU B 15 -18.30 7.51 19.05
CA LEU B 15 -18.21 6.52 20.12
C LEU B 15 -18.96 5.24 19.73
N GLU B 16 -18.43 4.10 20.19
CA GLU B 16 -19.12 2.83 20.16
C GLU B 16 -19.41 2.39 21.59
N PHE B 17 -20.69 2.41 21.97
CA PHE B 17 -21.18 1.76 23.17
C PHE B 17 -21.19 0.26 22.93
N PRO B 18 -20.99 -0.59 23.98
CA PRO B 18 -21.06 -2.03 23.82
C PRO B 18 -22.40 -2.56 23.31
N LYS B 19 -22.33 -3.72 22.63
CA LYS B 19 -23.48 -4.40 22.07
C LYS B 19 -24.39 -4.91 23.20
N GLU B 20 -24.04 -4.56 24.45
CA GLU B 20 -24.75 -5.04 25.64
C GLU B 20 -25.79 -4.02 26.08
N ARG B 21 -25.37 -2.81 26.43
CA ARG B 21 -26.32 -1.80 26.89
C ARG B 21 -26.94 -1.07 25.70
N VAL B 22 -27.25 -1.87 24.67
CA VAL B 22 -28.11 -1.49 23.57
C VAL B 22 -29.15 -2.60 23.38
N ARG B 23 -28.69 -3.87 23.35
CA ARG B 23 -29.55 -5.03 23.28
C ARG B 23 -30.19 -5.31 24.64
N GLU B 24 -29.82 -4.51 25.65
CA GLU B 24 -30.35 -4.60 27.01
C GLU B 24 -31.36 -3.46 27.22
N LEU B 25 -30.97 -2.24 26.86
CA LEU B 25 -31.77 -1.04 27.03
C LEU B 25 -33.08 -1.17 26.26
N GLN B 26 -32.99 -1.69 25.03
CA GLN B 26 -34.12 -1.67 24.10
C GLN B 26 -35.06 -2.84 24.38
N SER B 27 -34.52 -3.99 24.82
CA SER B 27 -35.25 -5.26 24.82
C SER B 27 -36.43 -5.26 25.78
N SER B 28 -36.70 -4.07 26.34
CA SER B 28 -37.94 -3.78 27.07
C SER B 28 -38.61 -2.55 26.46
N ALA B 29 -39.17 -2.72 25.26
CA ALA B 29 -39.76 -1.61 24.53
C ALA B 29 -41.10 -2.00 23.92
N GLU B 30 -42.03 -1.03 23.94
CA GLU B 30 -43.44 -1.25 23.62
C GLU B 30 -43.91 -0.22 22.59
N PRO B 31 -44.90 -0.58 21.74
CA PRO B 31 -45.51 0.36 20.79
C PRO B 31 -46.23 1.54 21.46
N THR B 32 -45.54 2.21 22.38
CA THR B 32 -46.15 3.27 23.17
C THR B 32 -45.25 4.51 23.10
N GLU B 33 -45.82 5.67 23.44
CA GLU B 33 -45.08 6.92 23.42
C GLU B 33 -44.04 6.90 24.55
N GLY B 34 -44.39 6.26 25.67
CA GLY B 34 -43.60 6.30 26.89
C GLY B 34 -42.43 5.33 26.87
N SER B 35 -42.60 4.21 26.15
CA SER B 35 -41.54 3.22 25.96
C SER B 35 -40.40 3.84 25.18
N TYR B 36 -40.74 4.75 24.24
CA TYR B 36 -39.79 5.57 23.53
C TYR B 36 -39.06 6.46 24.53
N ARG B 37 -39.85 7.18 25.34
CA ARG B 37 -39.35 8.23 26.21
C ARG B 37 -38.53 7.65 27.37
N ASN B 38 -38.43 6.31 27.44
CA ASN B 38 -37.60 5.69 28.46
C ASN B 38 -36.42 4.98 27.81
N ILE B 39 -36.47 4.79 26.49
CA ILE B 39 -35.32 4.37 25.71
C ILE B 39 -34.50 5.61 25.37
N PHE B 40 -35.21 6.73 25.16
CA PHE B 40 -34.58 8.03 24.96
C PHE B 40 -33.88 8.45 26.25
N ASP B 41 -34.52 8.17 27.40
CA ASP B 41 -34.04 8.59 28.70
C ASP B 41 -32.70 7.93 29.00
N ALA B 42 -32.69 6.60 28.92
CA ALA B 42 -31.54 5.79 29.33
C ALA B 42 -30.39 5.92 28.34
N LEU B 43 -30.66 6.55 27.18
CA LEU B 43 -29.64 6.84 26.19
C LEU B 43 -28.98 8.19 26.51
N ALA B 44 -29.81 9.23 26.72
CA ALA B 44 -29.31 10.58 26.99
C ALA B 44 -28.52 10.60 28.29
N HIS B 45 -28.71 9.54 29.09
CA HIS B 45 -28.09 9.33 30.39
C HIS B 45 -26.88 8.40 30.25
N LEU B 46 -26.73 7.80 29.05
CA LEU B 46 -25.65 6.87 28.75
C LEU B 46 -24.59 7.57 27.91
N VAL B 47 -24.95 8.74 27.35
CA VAL B 47 -24.00 9.66 26.75
C VAL B 47 -23.60 10.69 27.80
N GLU B 48 -24.39 10.74 28.88
CA GLU B 48 -24.08 11.58 30.03
C GLU B 48 -22.65 11.27 30.47
N GLU B 49 -22.44 10.07 31.01
CA GLU B 49 -21.11 9.54 31.26
C GLU B 49 -20.58 8.96 29.95
N ALA B 50 -19.31 8.52 29.98
CA ALA B 50 -18.55 8.15 28.78
C ALA B 50 -18.29 9.39 27.92
N LEU B 51 -18.85 10.53 28.35
CA LEU B 51 -18.62 11.82 27.70
C LEU B 51 -19.05 12.94 28.65
N GLY B 52 -18.75 14.19 28.28
CA GLY B 52 -19.06 15.35 29.11
C GLY B 52 -20.54 15.70 29.06
N HIS B 53 -20.92 16.49 28.05
CA HIS B 53 -22.29 16.93 27.88
C HIS B 53 -23.05 15.85 27.11
N ILE B 54 -24.17 16.25 26.49
CA ILE B 54 -24.73 15.63 25.29
C ILE B 54 -24.42 16.57 24.12
N PRO B 55 -23.33 16.33 23.35
CA PRO B 55 -22.84 17.28 22.35
C PRO B 55 -23.87 17.66 21.28
N HIS B 56 -23.77 18.89 20.78
CA HIS B 56 -24.83 19.44 19.95
C HIS B 56 -24.53 19.22 18.47
N GLY B 57 -25.48 18.57 17.79
CA GLY B 57 -25.32 18.05 16.45
C GLY B 57 -25.37 16.52 16.43
N LEU B 58 -25.35 15.92 17.64
CA LEU B 58 -25.19 14.49 17.84
C LEU B 58 -26.32 13.71 17.17
N ILE B 59 -25.90 12.64 16.48
CA ILE B 59 -26.74 11.75 15.69
C ILE B 59 -26.34 10.33 16.06
N GLY B 60 -27.11 9.33 15.63
CA GLY B 60 -26.75 7.96 15.99
C GLY B 60 -27.66 6.89 15.41
N LYS B 61 -27.12 5.67 15.35
CA LYS B 61 -27.85 4.47 14.96
C LYS B 61 -27.24 3.29 15.72
N ASP B 62 -28.13 2.45 16.29
CA ASP B 62 -27.77 1.32 17.14
C ASP B 62 -26.76 1.77 18.21
N ASN B 63 -25.61 1.07 18.27
CA ASN B 63 -24.63 1.21 19.33
C ASN B 63 -23.50 2.17 18.93
N VAL B 64 -23.81 3.18 18.10
CA VAL B 64 -22.82 4.08 17.53
C VAL B 64 -23.37 5.50 17.59
N VAL B 65 -22.50 6.47 17.89
CA VAL B 65 -22.91 7.86 18.01
C VAL B 65 -21.81 8.76 17.43
N MET B 66 -22.19 9.92 16.86
CA MET B 66 -21.26 10.85 16.23
C MET B 66 -21.73 12.29 16.40
N TRP B 67 -20.76 13.22 16.52
CA TRP B 67 -21.06 14.64 16.74
C TRP B 67 -19.98 15.51 16.12
N PRO B 68 -20.32 16.76 15.70
CA PRO B 68 -19.35 17.64 15.03
C PRO B 68 -18.21 18.05 15.97
N GLY B 69 -18.56 18.74 17.06
CA GLY B 69 -17.60 19.26 18.02
C GLY B 69 -16.71 20.34 17.42
N SER B 70 -15.41 20.25 17.73
CA SER B 70 -14.44 21.31 17.46
C SER B 70 -14.31 21.54 15.96
N THR B 71 -13.89 20.50 15.22
CA THR B 71 -14.02 20.50 13.77
C THR B 71 -15.37 19.91 13.42
N GLY B 72 -15.37 19.01 12.43
CA GLY B 72 -16.60 18.51 11.85
C GLY B 72 -17.25 19.62 11.02
N ALA B 73 -17.44 19.34 9.74
CA ALA B 73 -18.20 20.23 8.88
C ALA B 73 -19.54 20.55 9.54
N ASN B 74 -19.94 21.83 9.44
CA ASN B 74 -21.23 22.28 9.94
C ASN B 74 -22.23 22.26 8.79
N PHE B 75 -23.29 21.48 8.96
CA PHE B 75 -24.34 21.30 7.96
C PHE B 75 -25.41 22.38 8.11
N HIS B 76 -25.78 23.03 7.00
CA HIS B 76 -26.81 24.05 7.03
C HIS B 76 -28.20 23.46 6.84
N LEU B 77 -28.47 22.33 7.53
CA LEU B 77 -29.78 21.69 7.50
C LEU B 77 -30.17 21.18 8.90
N PRO B 78 -31.46 20.81 9.15
CA PRO B 78 -31.84 20.14 10.39
C PRO B 78 -30.81 19.12 10.89
N GLY B 79 -30.51 19.21 12.20
CA GLY B 79 -29.52 18.38 12.85
C GLY B 79 -29.79 16.88 12.69
N TRP B 80 -31.07 16.49 12.85
CA TRP B 80 -31.48 15.10 12.89
C TRP B 80 -31.31 14.45 11.51
N ARG B 81 -31.49 15.26 10.47
CA ARG B 81 -31.38 14.80 9.10
C ARG B 81 -29.96 14.27 8.88
N VAL B 82 -28.98 15.10 9.25
CA VAL B 82 -27.57 14.90 8.97
C VAL B 82 -27.18 13.45 9.24
N SER B 83 -27.93 12.76 10.10
CA SER B 83 -27.63 11.38 10.45
C SER B 83 -27.35 10.55 9.19
N ASP B 84 -28.03 10.91 8.10
CA ASP B 84 -28.10 10.06 6.92
C ASP B 84 -26.88 10.27 6.02
N PHE B 85 -25.92 11.10 6.46
CA PHE B 85 -24.84 11.54 5.60
C PHE B 85 -23.45 11.24 6.16
N VAL B 86 -23.34 11.15 7.50
CA VAL B 86 -22.03 11.16 8.14
C VAL B 86 -21.65 9.74 8.59
N ARG B 87 -22.61 8.83 8.55
CA ARG B 87 -22.45 7.55 9.20
C ARG B 87 -21.80 6.50 8.29
N ALA B 88 -21.97 6.64 6.97
CA ALA B 88 -21.63 5.57 6.02
C ALA B 88 -20.15 5.56 5.65
N PRO B 89 -19.60 4.40 5.24
CA PRO B 89 -18.21 4.30 4.79
C PRO B 89 -18.01 5.03 3.46
N SER B 90 -17.06 5.98 3.44
CA SER B 90 -16.59 6.63 2.24
C SER B 90 -15.59 5.72 1.51
N ARG B 91 -16.07 5.02 0.48
CA ARG B 91 -15.28 3.97 -0.16
C ARG B 91 -14.46 4.56 -1.31
N ALA B 92 -14.87 5.74 -1.77
CA ALA B 92 -14.24 6.44 -2.87
C ALA B 92 -14.80 7.86 -2.92
N ARG B 93 -13.94 8.81 -3.31
CA ARG B 93 -14.20 10.23 -3.18
C ARG B 93 -13.99 10.88 -4.54
N THR B 94 -14.78 11.91 -4.83
CA THR B 94 -14.55 12.75 -6.00
C THR B 94 -15.18 14.13 -5.80
N GLU B 95 -14.69 15.09 -6.59
CA GLU B 95 -14.96 16.51 -6.44
C GLU B 95 -15.30 17.11 -7.81
N LEU B 96 -16.39 17.89 -7.87
CA LEU B 96 -16.72 18.65 -9.06
C LEU B 96 -16.90 20.12 -8.69
N PRO B 97 -16.48 21.06 -9.58
CA PRO B 97 -16.71 22.48 -9.34
C PRO B 97 -18.21 22.73 -9.53
N THR B 98 -18.75 23.74 -8.82
CA THR B 98 -20.18 24.01 -8.85
C THR B 98 -20.60 24.66 -10.18
N SER B 99 -19.61 25.00 -11.02
CA SER B 99 -19.85 25.62 -12.31
C SER B 99 -19.96 24.57 -13.42
N SER B 100 -19.70 23.30 -13.07
CA SER B 100 -19.78 22.21 -14.02
C SER B 100 -21.17 21.59 -14.01
N LEU B 101 -21.89 21.84 -12.91
CA LEU B 101 -23.17 21.17 -12.68
C LEU B 101 -24.26 21.85 -13.50
N THR B 102 -25.15 21.03 -14.07
CA THR B 102 -26.43 21.49 -14.57
C THR B 102 -27.50 21.04 -13.58
N LEU B 103 -28.43 21.94 -13.29
CA LEU B 103 -29.37 21.72 -12.20
C LEU B 103 -30.76 21.58 -12.78
N VAL B 104 -31.28 20.35 -12.72
CA VAL B 104 -32.60 20.01 -13.23
C VAL B 104 -33.56 20.06 -12.06
N LYS B 105 -34.80 20.52 -12.33
CA LYS B 105 -35.71 20.94 -11.28
C LYS B 105 -36.90 19.97 -11.19
N GLY B 106 -37.62 20.05 -10.06
CA GLY B 106 -38.76 19.20 -9.78
C GLY B 106 -38.33 18.04 -8.89
N LYS B 107 -39.19 17.66 -7.94
CA LYS B 107 -38.88 16.56 -7.03
C LYS B 107 -38.99 15.24 -7.77
N LYS B 108 -38.16 14.27 -7.36
CA LYS B 108 -38.19 12.90 -7.89
C LYS B 108 -38.04 12.89 -9.40
N VAL B 109 -37.33 13.89 -9.95
CA VAL B 109 -37.31 14.10 -11.39
C VAL B 109 -36.62 12.94 -12.08
N PHE B 110 -35.56 12.40 -11.47
CA PHE B 110 -34.87 11.26 -12.06
C PHE B 110 -35.47 9.96 -11.51
N GLY B 111 -36.51 10.06 -10.68
CA GLY B 111 -37.02 8.93 -9.92
C GLY B 111 -36.57 8.99 -8.46
N ASP B 112 -37.46 8.57 -7.54
CA ASP B 112 -37.31 8.81 -6.11
C ASP B 112 -36.09 8.09 -5.57
N GLY B 113 -34.97 8.82 -5.45
CA GLY B 113 -33.75 8.27 -4.88
C GLY B 113 -32.54 8.40 -5.79
N ILE B 114 -32.78 8.73 -7.06
CA ILE B 114 -31.67 9.01 -7.95
C ILE B 114 -31.41 10.50 -7.85
N VAL B 115 -30.13 10.88 -7.68
CA VAL B 115 -29.76 12.24 -7.33
C VAL B 115 -28.91 12.86 -8.43
N GLY B 116 -28.24 12.02 -9.23
CA GLY B 116 -27.43 12.51 -10.32
C GLY B 116 -27.41 11.60 -11.54
N ILE B 117 -27.51 12.21 -12.74
CA ILE B 117 -27.27 11.50 -13.98
C ILE B 117 -26.02 12.13 -14.59
N PHE B 118 -24.93 11.36 -14.70
CA PHE B 118 -23.63 11.95 -14.96
C PHE B 118 -22.96 11.29 -16.15
N PRO B 119 -22.04 12.02 -16.82
CA PRO B 119 -21.11 11.42 -17.77
C PRO B 119 -20.25 10.40 -17.04
N PRO B 120 -19.52 9.52 -17.77
CA PRO B 120 -18.60 8.58 -17.12
C PRO B 120 -17.74 9.29 -16.08
N MET B 121 -17.58 8.66 -14.90
CA MET B 121 -16.80 9.21 -13.80
C MET B 121 -15.96 8.09 -13.17
N PRO B 122 -14.77 7.79 -13.73
CA PRO B 122 -13.99 6.62 -13.34
C PRO B 122 -13.40 6.61 -11.92
N GLU B 123 -13.59 7.71 -11.17
CA GLU B 123 -13.10 7.78 -9.80
C GLU B 123 -14.09 7.12 -8.85
N ILE B 124 -15.39 7.16 -9.19
CA ILE B 124 -16.39 6.59 -8.30
C ILE B 124 -17.11 5.39 -8.92
N VAL B 125 -17.21 5.31 -10.27
CA VAL B 125 -17.93 4.20 -10.85
C VAL B 125 -17.09 3.49 -11.90
N PRO B 126 -16.88 2.16 -11.80
CA PRO B 126 -16.01 1.42 -12.73
C PRO B 126 -16.58 1.37 -14.15
N SER B 127 -17.89 1.22 -14.27
CA SER B 127 -18.47 1.11 -15.60
C SER B 127 -18.76 2.50 -16.17
N PRO B 128 -18.48 2.75 -17.47
CA PRO B 128 -18.91 4.00 -18.12
C PRO B 128 -20.42 4.13 -17.95
N ASN B 129 -21.16 3.01 -18.08
CA ASN B 129 -22.60 2.96 -17.83
C ASN B 129 -22.91 2.40 -16.45
N GLY B 130 -22.30 2.98 -15.40
CA GLY B 130 -22.44 2.41 -14.07
C GLY B 130 -23.31 3.24 -13.13
N TRP B 131 -23.22 2.91 -11.84
CA TRP B 131 -23.87 3.65 -10.76
C TRP B 131 -22.99 3.61 -9.53
N ALA B 132 -23.38 4.40 -8.54
CA ALA B 132 -22.82 4.34 -7.19
C ALA B 132 -23.82 4.99 -6.24
N GLN B 133 -23.99 4.38 -5.06
CA GLN B 133 -24.81 4.96 -4.01
C GLN B 133 -23.94 5.94 -3.22
N VAL B 134 -24.43 7.18 -3.12
CA VAL B 134 -23.57 8.29 -2.72
C VAL B 134 -24.22 9.16 -1.64
N ARG B 135 -23.35 9.86 -0.91
CA ARG B 135 -23.69 11.14 -0.31
C ARG B 135 -22.80 12.19 -1.00
N MET B 136 -23.43 13.27 -1.47
CA MET B 136 -22.67 14.38 -2.02
C MET B 136 -23.11 15.69 -1.36
N PHE B 137 -22.14 16.58 -1.17
CA PHE B 137 -22.34 17.85 -0.45
C PHE B 137 -21.87 19.01 -1.33
N SER B 138 -22.60 20.14 -1.23
CA SER B 138 -22.09 21.42 -1.70
C SER B 138 -21.40 22.13 -0.53
N ARG B 139 -20.17 22.59 -0.77
CA ARG B 139 -19.27 22.91 0.32
C ARG B 139 -18.68 24.32 0.15
N ARG B 140 -18.40 24.94 1.30
CA ARG B 140 -17.68 26.20 1.43
C ARG B 140 -16.31 25.94 2.06
N GLY B 141 -16.29 25.91 3.41
CA GLY B 141 -15.06 25.63 4.11
C GLY B 141 -15.30 24.43 5.03
N ASN B 142 -15.89 24.71 6.19
CA ASN B 142 -16.58 23.69 6.96
C ASN B 142 -18.07 23.88 6.77
N GLU B 143 -18.42 24.60 5.68
CA GLU B 143 -19.80 24.90 5.38
C GLU B 143 -20.33 23.93 4.33
N ILE B 144 -21.29 23.10 4.75
CA ILE B 144 -22.01 22.14 3.92
C ILE B 144 -23.46 22.60 3.85
N PHE B 145 -23.83 23.20 2.72
CA PHE B 145 -25.09 23.92 2.57
C PHE B 145 -26.23 22.96 2.22
N ARG B 146 -26.04 22.19 1.14
CA ARG B 146 -27.01 21.24 0.62
C ARG B 146 -26.33 19.89 0.38
N ALA B 147 -27.02 18.81 0.76
CA ALA B 147 -26.46 17.47 0.66
C ALA B 147 -27.50 16.47 0.12
N TRP B 148 -27.05 15.59 -0.79
CA TRP B 148 -27.91 14.61 -1.43
C TRP B 148 -27.60 13.21 -0.91
N LYS B 149 -28.66 12.43 -0.69
CA LYS B 149 -28.51 11.00 -0.44
C LYS B 149 -29.20 10.26 -1.57
N GLY B 150 -28.48 9.28 -2.15
CA GLY B 150 -29.09 8.38 -3.11
C GLY B 150 -28.10 7.84 -4.12
N VAL B 151 -28.63 7.45 -5.29
CA VAL B 151 -27.86 6.84 -6.36
C VAL B 151 -27.54 7.87 -7.43
N ILE B 152 -26.34 7.75 -8.01
CA ILE B 152 -26.07 8.42 -9.27
C ILE B 152 -25.77 7.37 -10.34
N VAL B 153 -26.21 7.68 -11.58
CA VAL B 153 -25.91 6.82 -12.71
C VAL B 153 -25.03 7.60 -13.68
N THR B 154 -24.44 6.84 -14.60
CA THR B 154 -23.31 7.25 -15.39
C THR B 154 -23.51 6.66 -16.78
N HIS B 155 -23.56 7.53 -17.79
CA HIS B 155 -23.68 7.04 -19.15
C HIS B 155 -22.93 7.95 -20.12
N PRO B 156 -22.09 7.35 -20.99
CA PRO B 156 -21.47 8.04 -22.14
C PRO B 156 -22.30 9.10 -22.87
N ASN B 157 -23.61 8.89 -22.97
CA ASN B 157 -24.50 9.78 -23.71
C ASN B 157 -24.86 11.01 -22.86
N VAL B 158 -24.66 10.92 -21.55
CA VAL B 158 -24.82 12.10 -20.72
C VAL B 158 -23.56 12.94 -20.93
N LYS B 159 -23.78 14.21 -21.30
CA LYS B 159 -22.69 15.08 -21.72
C LYS B 159 -22.33 16.01 -20.57
N GLU B 160 -23.35 16.52 -19.87
CA GLU B 160 -23.14 17.46 -18.78
C GLU B 160 -23.55 16.79 -17.47
N PRO B 161 -22.73 16.88 -16.39
CA PRO B 161 -23.15 16.51 -15.05
C PRO B 161 -24.55 17.01 -14.69
N LEU B 162 -25.53 16.10 -14.74
CA LEU B 162 -26.93 16.37 -14.48
C LEU B 162 -27.24 16.04 -13.03
N LEU B 163 -27.95 16.95 -12.33
CA LEU B 163 -28.15 16.79 -10.90
C LEU B 163 -29.54 17.28 -10.46
N ALA B 164 -30.17 16.51 -9.57
CA ALA B 164 -31.58 16.67 -9.21
C ALA B 164 -31.71 17.67 -8.07
N PHE B 165 -31.63 18.96 -8.39
CA PHE B 165 -31.45 19.97 -7.36
C PHE B 165 -32.46 19.79 -6.24
N ASP B 166 -33.74 19.71 -6.60
CA ASP B 166 -34.83 19.86 -5.63
C ASP B 166 -35.06 18.56 -4.86
N ASP B 167 -34.07 17.67 -4.88
CA ASP B 167 -34.12 16.43 -4.11
C ASP B 167 -33.21 16.54 -2.89
N GLY B 168 -32.25 17.47 -2.95
CA GLY B 168 -31.34 17.75 -1.86
C GLY B 168 -32.01 18.39 -0.64
N TYR B 169 -31.28 18.36 0.48
CA TYR B 169 -31.72 18.95 1.74
C TYR B 169 -30.75 20.05 2.15
N GLY B 170 -31.27 21.05 2.87
CA GLY B 170 -30.52 22.23 3.24
C GLY B 170 -31.15 23.48 2.63
N VAL B 171 -30.31 24.47 2.30
CA VAL B 171 -30.79 25.71 1.74
C VAL B 171 -30.43 25.78 0.25
N GLU B 172 -31.06 26.72 -0.46
CA GLU B 172 -30.87 26.90 -1.89
C GLU B 172 -29.44 27.37 -2.18
N GLU B 173 -28.77 27.90 -1.15
CA GLU B 173 -27.43 28.45 -1.32
C GLU B 173 -26.42 27.32 -1.57
N LEU B 174 -25.45 27.57 -2.45
CA LEU B 174 -24.60 26.51 -2.97
C LEU B 174 -23.13 26.92 -2.90
N GLY B 175 -22.33 26.10 -2.21
CA GLY B 175 -20.88 26.24 -2.12
C GLY B 175 -20.23 26.10 -3.49
N ASP B 176 -18.90 25.97 -3.51
CA ASP B 176 -18.20 26.01 -4.79
C ASP B 176 -17.74 24.62 -5.23
N VAL B 177 -17.64 23.68 -4.28
CA VAL B 177 -17.34 22.30 -4.63
C VAL B 177 -18.61 21.46 -4.50
N LEU B 178 -18.69 20.40 -5.31
CA LEU B 178 -19.57 19.28 -5.04
C LEU B 178 -18.71 18.05 -4.70
N GLU B 179 -18.80 17.64 -3.43
CA GLU B 179 -18.00 16.55 -2.91
C GLU B 179 -18.86 15.29 -2.90
N ILE B 180 -18.33 14.21 -3.49
CA ILE B 180 -19.11 13.00 -3.68
C ILE B 180 -18.41 11.85 -2.97
N HIS B 181 -19.15 11.19 -2.07
CA HIS B 181 -18.65 10.00 -1.41
C HIS B 181 -19.47 8.78 -1.87
N ALA B 182 -18.79 7.87 -2.58
CA ALA B 182 -19.37 6.60 -2.94
C ALA B 182 -19.36 5.68 -1.72
N ILE B 183 -20.56 5.33 -1.23
CA ILE B 183 -20.69 4.54 -0.02
C ILE B 183 -20.92 3.06 -0.36
N LEU B 184 -21.35 2.80 -1.60
CA LEU B 184 -21.49 1.44 -2.12
C LEU B 184 -21.05 1.46 -3.57
N LEU B 185 -20.08 0.61 -3.92
CA LEU B 185 -19.55 0.59 -5.27
C LEU B 185 -20.34 -0.39 -6.13
N GLN B 186 -20.50 -0.01 -7.40
CA GLN B 186 -21.20 -0.79 -8.42
C GLN B 186 -20.91 -2.27 -8.20
N THR B 187 -21.96 -3.06 -7.99
CA THR B 187 -21.85 -4.50 -7.85
C THR B 187 -23.18 -5.13 -8.20
N GLN B 188 -23.18 -6.39 -8.64
CA GLN B 188 -24.39 -7.19 -8.54
C GLN B 188 -24.52 -7.71 -7.10
N PHE B 189 -25.76 -8.08 -6.72
CA PHE B 189 -26.02 -8.53 -5.37
C PHE B 189 -26.49 -9.97 -5.41
N THR B 190 -26.18 -10.70 -4.35
CA THR B 190 -26.42 -12.13 -4.36
C THR B 190 -27.92 -12.37 -4.10
N ALA B 191 -28.52 -13.20 -4.96
CA ALA B 191 -29.97 -13.28 -5.06
C ALA B 191 -30.47 -14.68 -4.71
N GLU B 192 -30.97 -14.78 -3.47
CA GLU B 192 -31.39 -16.04 -2.89
C GLU B 192 -32.68 -15.84 -2.09
N TYR B 193 -33.49 -16.89 -2.08
CA TYR B 193 -34.69 -16.90 -1.26
C TYR B 193 -34.29 -16.79 0.20
N THR B 194 -35.00 -15.94 0.93
CA THR B 194 -34.82 -15.81 2.37
C THR B 194 -35.88 -16.60 3.12
N VAL B 195 -35.67 -16.77 4.42
CA VAL B 195 -36.56 -17.61 5.19
C VAL B 195 -37.89 -16.87 5.32
N GLN B 196 -37.84 -15.61 5.77
CA GLN B 196 -39.00 -14.72 5.82
C GLN B 196 -39.73 -14.73 4.48
N GLY B 197 -38.95 -14.63 3.39
CA GLY B 197 -39.51 -14.68 2.06
C GLY B 197 -40.33 -15.94 1.82
N LEU B 198 -39.76 -17.09 2.18
CA LEU B 198 -40.45 -18.35 1.95
C LEU B 198 -41.62 -18.51 2.94
N TYR B 199 -41.57 -17.83 4.08
CA TYR B 199 -42.67 -17.95 5.02
C TYR B 199 -43.85 -17.20 4.40
N TYR B 200 -43.55 -16.01 3.85
CA TYR B 200 -44.53 -15.04 3.40
C TYR B 200 -45.03 -15.25 1.96
N GLN B 201 -44.29 -15.95 1.10
CA GLN B 201 -44.77 -16.09 -0.27
C GLN B 201 -44.24 -17.36 -0.91
N GLY B 202 -43.75 -18.28 -0.08
CA GLY B 202 -43.18 -19.50 -0.58
C GLY B 202 -44.21 -20.33 -1.36
N ILE B 203 -43.79 -20.75 -2.56
CA ILE B 203 -44.40 -21.82 -3.31
C ILE B 203 -44.92 -22.88 -2.32
N PRO B 204 -46.06 -23.57 -2.58
CA PRO B 204 -46.49 -24.64 -1.67
C PRO B 204 -45.40 -25.70 -1.56
N GLY B 205 -45.06 -26.06 -0.31
CA GLY B 205 -44.05 -27.07 0.01
C GLY B 205 -42.63 -26.66 -0.38
N TRP B 206 -42.26 -25.40 -0.07
CA TRP B 206 -41.03 -24.84 -0.60
C TRP B 206 -39.80 -25.47 0.04
N TRP B 207 -39.85 -25.65 1.37
CA TRP B 207 -38.82 -26.33 2.17
C TRP B 207 -38.31 -27.59 1.48
N LYS B 208 -39.11 -28.18 0.58
CA LYS B 208 -38.71 -29.41 -0.08
C LYS B 208 -37.54 -29.17 -1.04
N HIS B 209 -37.18 -27.91 -1.30
CA HIS B 209 -36.32 -27.54 -2.42
C HIS B 209 -34.98 -26.99 -1.94
N LEU B 210 -34.89 -26.74 -0.62
CA LEU B 210 -33.64 -26.46 0.06
C LEU B 210 -32.71 -27.67 0.03
N ASP B 211 -31.40 -27.40 0.01
CA ASP B 211 -30.35 -28.40 -0.08
C ASP B 211 -29.09 -27.86 0.61
N LEU B 212 -28.07 -28.73 0.74
CA LEU B 212 -26.80 -28.40 1.39
C LEU B 212 -25.81 -28.00 0.31
N ASP B 213 -24.98 -26.99 0.61
CA ASP B 213 -23.84 -26.69 -0.24
C ASP B 213 -22.69 -26.17 0.63
N PHE B 214 -21.55 -25.96 -0.03
CA PHE B 214 -20.37 -25.40 0.62
C PHE B 214 -20.06 -24.03 0.06
N ALA B 215 -19.66 -23.13 0.96
CA ALA B 215 -19.10 -21.82 0.65
C ALA B 215 -17.71 -21.70 1.27
N PHE B 216 -16.68 -21.72 0.43
CA PHE B 216 -15.32 -21.54 0.91
C PHE B 216 -14.83 -20.14 0.55
N PRO B 217 -14.40 -19.33 1.54
CA PRO B 217 -13.68 -18.09 1.24
C PRO B 217 -12.48 -18.45 0.36
N PRO B 218 -12.02 -17.54 -0.53
CA PRO B 218 -10.92 -17.84 -1.44
C PRO B 218 -9.67 -18.55 -0.90
N GLU B 219 -9.18 -18.16 0.28
CA GLU B 219 -8.05 -18.81 0.93
C GLU B 219 -8.29 -20.32 1.03
N LYS B 220 -9.39 -20.71 1.68
CA LYS B 220 -9.77 -22.11 1.79
C LYS B 220 -10.11 -22.71 0.42
N SER B 221 -10.66 -21.90 -0.47
CA SER B 221 -11.07 -22.43 -1.76
C SER B 221 -9.86 -22.87 -2.57
N ARG B 222 -8.76 -22.09 -2.49
CA ARG B 222 -7.49 -22.46 -3.07
C ARG B 222 -7.11 -23.86 -2.58
N LEU B 223 -7.18 -24.08 -1.26
CA LEU B 223 -6.81 -25.32 -0.60
C LEU B 223 -7.64 -26.48 -1.12
N VAL B 224 -8.96 -26.30 -1.04
CA VAL B 224 -9.84 -27.37 -1.43
C VAL B 224 -9.50 -27.77 -2.86
N GLU B 225 -9.32 -26.78 -3.74
CA GLU B 225 -9.09 -27.04 -5.14
C GLU B 225 -7.77 -27.77 -5.37
N ALA B 226 -6.79 -27.58 -4.49
CA ALA B 226 -5.51 -28.28 -4.66
C ALA B 226 -5.52 -29.65 -3.97
N GLY B 227 -6.67 -30.02 -3.39
CA GLY B 227 -6.82 -31.32 -2.73
C GLY B 227 -6.23 -31.34 -1.32
N ALA B 228 -6.40 -30.24 -0.58
CA ALA B 228 -6.08 -30.24 0.83
C ALA B 228 -6.90 -31.35 1.49
N PRO B 229 -6.36 -32.01 2.53
CA PRO B 229 -7.12 -33.01 3.27
C PRO B 229 -8.25 -32.38 4.06
N LEU B 230 -9.30 -33.17 4.32
CA LEU B 230 -10.48 -32.72 5.06
C LEU B 230 -10.07 -32.18 6.42
N GLU B 231 -8.88 -32.58 6.90
CA GLU B 231 -8.40 -32.16 8.20
C GLU B 231 -8.30 -30.63 8.21
N LEU B 232 -7.99 -30.05 7.05
CA LEU B 232 -7.63 -28.64 7.01
C LEU B 232 -8.88 -27.77 6.90
N LEU B 233 -10.06 -28.40 6.87
CA LEU B 233 -11.30 -27.66 6.77
C LEU B 233 -12.06 -27.69 8.09
N TYR B 234 -11.48 -28.28 9.14
CA TYR B 234 -12.20 -28.42 10.39
C TYR B 234 -12.40 -27.04 11.00
N PRO B 235 -13.59 -26.73 11.54
CA PRO B 235 -14.74 -27.64 11.48
C PRO B 235 -15.51 -27.34 10.22
N ILE B 236 -15.89 -28.38 9.47
CA ILE B 236 -16.52 -28.26 8.16
C ILE B 236 -17.82 -27.44 8.24
N ALA B 237 -18.40 -27.31 9.44
CA ALA B 237 -19.63 -26.55 9.62
C ALA B 237 -19.48 -25.09 9.19
N GLN B 238 -18.28 -24.52 9.35
CA GLN B 238 -18.11 -23.11 9.02
C GLN B 238 -18.15 -22.89 7.50
N TYR B 239 -18.28 -23.96 6.71
CA TYR B 239 -18.29 -23.85 5.26
C TYR B 239 -19.62 -24.34 4.70
N LEU B 240 -20.54 -24.70 5.61
CA LEU B 240 -21.84 -25.19 5.17
C LEU B 240 -22.77 -24.02 4.89
N LYS B 241 -23.66 -24.23 3.90
CA LYS B 241 -24.80 -23.34 3.74
C LYS B 241 -25.92 -24.08 3.03
N LEU B 242 -27.15 -23.59 3.26
CA LEU B 242 -28.33 -23.98 2.53
C LEU B 242 -28.31 -23.27 1.17
N LYS B 243 -28.93 -23.91 0.17
CA LYS B 243 -29.00 -23.33 -1.16
C LYS B 243 -30.40 -23.52 -1.73
N GLY B 244 -30.85 -22.54 -2.52
CA GLY B 244 -32.11 -22.65 -3.23
C GLY B 244 -32.02 -23.69 -4.34
N PRO B 245 -33.13 -23.97 -5.07
CA PRO B 245 -33.08 -24.86 -6.23
C PRO B 245 -32.47 -24.09 -7.41
N ASN B 246 -32.46 -22.75 -7.24
CA ASN B 246 -31.97 -21.81 -8.25
C ASN B 246 -31.65 -20.49 -7.55
N THR B 247 -30.96 -19.64 -8.31
CA THR B 247 -30.49 -18.35 -7.83
C THR B 247 -31.15 -17.24 -8.64
N GLY B 248 -31.23 -16.04 -8.07
CA GLY B 248 -31.85 -14.93 -8.78
C GLY B 248 -30.84 -14.02 -9.49
N PHE B 249 -31.31 -12.82 -9.89
CA PHE B 249 -30.46 -11.72 -10.31
C PHE B 249 -30.73 -10.54 -9.39
N GLY B 250 -29.65 -9.87 -8.98
CA GLY B 250 -29.81 -8.78 -8.04
C GLY B 250 -28.99 -7.58 -8.49
N GLY B 251 -29.68 -6.45 -8.65
CA GLY B 251 -29.03 -5.23 -9.08
C GLY B 251 -29.61 -4.05 -8.32
N ILE B 252 -28.93 -2.89 -8.43
CA ILE B 252 -29.45 -1.65 -7.88
C ILE B 252 -30.73 -1.31 -8.64
N LEU B 253 -31.62 -0.54 -8.01
CA LEU B 253 -32.95 -0.34 -8.55
C LEU B 253 -33.11 1.08 -9.05
N LEU B 254 -33.37 1.24 -10.35
CA LEU B 254 -33.48 2.55 -10.97
C LEU B 254 -34.87 2.75 -11.56
N SER B 255 -35.27 4.03 -11.69
CA SER B 255 -36.54 4.44 -12.28
C SER B 255 -36.39 4.70 -13.78
N PRO B 256 -37.36 4.24 -14.61
CA PRO B 256 -37.32 4.53 -16.05
C PRO B 256 -37.28 6.01 -16.39
N LYS B 257 -37.64 6.86 -15.41
CA LYS B 257 -37.58 8.31 -15.52
C LYS B 257 -36.21 8.79 -15.97
N ILE B 258 -35.17 7.95 -15.86
CA ILE B 258 -33.79 8.30 -16.22
C ILE B 258 -33.58 8.15 -17.73
N LEU B 259 -34.43 7.36 -18.37
CA LEU B 259 -34.13 6.89 -19.72
C LEU B 259 -34.08 8.07 -20.72
N PRO B 260 -35.03 9.04 -20.67
CA PRO B 260 -35.01 10.18 -21.56
C PRO B 260 -33.66 10.87 -21.46
N PHE B 261 -33.19 11.06 -20.22
CA PHE B 261 -31.93 11.74 -19.97
C PHE B 261 -30.74 10.95 -20.53
N LEU B 262 -30.94 9.69 -20.95
CA LEU B 262 -29.83 9.01 -21.58
C LEU B 262 -30.03 9.00 -23.09
N GLY B 263 -31.11 9.65 -23.54
CA GLY B 263 -31.45 9.70 -24.96
C GLY B 263 -32.19 8.43 -25.38
N LEU B 264 -32.85 7.78 -24.42
CA LEU B 264 -33.51 6.52 -24.67
C LEU B 264 -35.01 6.67 -24.46
N HIS B 265 -35.81 5.81 -25.10
CA HIS B 265 -37.24 5.78 -24.87
C HIS B 265 -37.56 5.08 -23.56
N GLY B 266 -38.67 5.49 -22.94
CA GLY B 266 -39.13 4.95 -21.67
C GLY B 266 -39.58 3.50 -21.76
N LEU B 267 -40.49 3.14 -20.84
CA LEU B 267 -40.74 1.74 -20.54
C LEU B 267 -42.23 1.54 -20.34
N GLU B 268 -42.74 0.46 -20.94
CA GLU B 268 -44.14 0.08 -20.82
C GLU B 268 -44.46 -0.22 -19.36
N ASP B 269 -45.65 0.20 -18.91
CA ASP B 269 -46.19 -0.20 -17.61
C ASP B 269 -46.16 -1.72 -17.52
N GLY B 270 -45.69 -2.20 -16.36
CA GLY B 270 -45.68 -3.63 -16.06
C GLY B 270 -44.42 -4.31 -16.57
N GLY B 271 -43.44 -3.50 -17.01
CA GLY B 271 -42.19 -4.02 -17.56
C GLY B 271 -40.97 -3.70 -16.71
N VAL B 272 -39.93 -4.53 -16.82
CA VAL B 272 -38.64 -4.29 -16.19
C VAL B 272 -37.55 -4.42 -17.26
N LEU B 273 -36.50 -3.62 -17.08
CA LEU B 273 -35.22 -3.83 -17.74
C LEU B 273 -34.26 -4.33 -16.67
N ALA B 274 -33.27 -5.13 -17.08
CA ALA B 274 -32.25 -5.60 -16.16
C ALA B 274 -30.97 -5.96 -16.91
N TYR B 275 -29.83 -5.79 -16.24
CA TYR B 275 -28.55 -6.02 -16.89
C TYR B 275 -28.24 -7.51 -17.04
N THR B 276 -29.10 -8.26 -17.73
CA THR B 276 -28.89 -9.70 -17.84
C THR B 276 -29.62 -10.25 -19.06
N ARG B 277 -29.05 -11.30 -19.65
CA ARG B 277 -29.66 -11.95 -20.80
C ARG B 277 -30.31 -13.27 -20.38
N ARG B 278 -30.46 -13.46 -19.06
CA ARG B 278 -31.01 -14.68 -18.50
C ARG B 278 -32.51 -14.82 -18.84
N TRP B 279 -33.16 -13.69 -19.16
CA TRP B 279 -34.53 -13.70 -19.64
C TRP B 279 -34.60 -13.12 -21.05
N LYS B 280 -35.61 -13.54 -21.81
CA LYS B 280 -35.90 -13.00 -23.13
C LYS B 280 -37.02 -11.97 -23.01
N PRO B 281 -37.05 -10.93 -23.86
CA PRO B 281 -38.13 -9.94 -23.83
C PRO B 281 -39.42 -10.71 -24.04
N GLY B 282 -40.42 -10.41 -23.24
CA GLY B 282 -41.60 -11.26 -23.26
C GLY B 282 -41.82 -12.00 -21.96
N GLU B 283 -40.74 -12.54 -21.36
CA GLU B 283 -40.84 -13.45 -20.23
C GLU B 283 -41.30 -12.70 -18.98
N ARG B 284 -42.10 -13.39 -18.14
CA ARG B 284 -42.44 -12.90 -16.81
C ARG B 284 -41.34 -13.30 -15.83
N VAL B 285 -41.10 -12.45 -14.82
CA VAL B 285 -40.19 -12.74 -13.73
C VAL B 285 -40.84 -12.21 -12.45
N ILE B 286 -40.40 -12.72 -11.30
CA ILE B 286 -40.86 -12.23 -10.02
C ILE B 286 -39.86 -11.17 -9.58
N PHE B 287 -40.37 -9.98 -9.31
CA PHE B 287 -39.59 -8.90 -8.71
C PHE B 287 -39.82 -8.95 -7.21
N ASN B 288 -38.73 -8.83 -6.44
CA ASN B 288 -38.71 -8.92 -4.99
C ASN B 288 -37.85 -7.79 -4.43
N ARG B 289 -38.41 -6.98 -3.51
CA ARG B 289 -37.65 -5.95 -2.80
C ARG B 289 -37.82 -6.17 -1.30
N ARG B 290 -36.72 -6.25 -0.55
CA ARG B 290 -36.78 -6.59 0.87
C ARG B 290 -37.00 -5.32 1.67
N PRO B 291 -37.50 -5.39 2.93
CA PRO B 291 -37.80 -6.67 3.59
C PRO B 291 -39.11 -7.34 3.18
N ASP B 292 -39.02 -8.61 2.81
CA ASP B 292 -40.19 -9.48 2.67
C ASP B 292 -41.21 -9.15 3.76
N LEU B 293 -42.41 -8.67 3.36
CA LEU B 293 -43.47 -8.30 4.29
C LEU B 293 -44.48 -9.45 4.45
N PRO B 294 -45.18 -9.54 5.62
CA PRO B 294 -46.01 -10.72 5.95
C PRO B 294 -47.23 -10.99 5.06
N THR B 295 -47.71 -9.96 4.37
CA THR B 295 -48.82 -10.09 3.42
C THR B 295 -48.45 -10.93 2.21
N GLY B 296 -47.15 -11.00 1.88
CA GLY B 296 -46.67 -11.68 0.68
C GLY B 296 -46.46 -10.70 -0.48
N GLN B 297 -46.51 -9.40 -0.13
CA GLN B 297 -46.68 -8.29 -1.05
C GLN B 297 -45.32 -7.74 -1.52
N SER B 298 -44.24 -8.48 -1.18
CA SER B 298 -42.89 -8.07 -1.56
C SER B 298 -42.43 -8.81 -2.82
N ALA B 299 -43.26 -9.72 -3.31
CA ALA B 299 -43.01 -10.35 -4.60
C ALA B 299 -44.16 -9.98 -5.54
N VAL B 300 -43.82 -9.49 -6.75
CA VAL B 300 -44.83 -9.12 -7.75
C VAL B 300 -44.36 -9.56 -9.13
N GLU B 301 -45.29 -10.04 -9.95
CA GLU B 301 -45.01 -10.43 -11.33
C GLU B 301 -44.86 -9.17 -12.19
N LEU B 302 -43.80 -9.13 -12.98
CA LEU B 302 -43.64 -8.13 -14.03
C LEU B 302 -43.10 -8.84 -15.29
N THR B 303 -43.05 -8.09 -16.41
CA THR B 303 -42.53 -8.64 -17.65
C THR B 303 -41.16 -8.05 -17.95
N TYR B 304 -40.22 -8.92 -18.35
CA TYR B 304 -38.90 -8.49 -18.76
C TYR B 304 -38.98 -8.04 -20.21
N VAL B 305 -38.62 -6.79 -20.43
CA VAL B 305 -38.87 -6.14 -21.71
C VAL B 305 -37.54 -5.81 -22.40
N GLY B 306 -36.40 -6.01 -21.71
CA GLY B 306 -35.09 -5.94 -22.33
C GLY B 306 -33.96 -5.53 -21.36
N LEU B 307 -32.76 -5.32 -21.91
CA LEU B 307 -31.56 -4.91 -21.19
C LEU B 307 -31.77 -3.56 -20.53
N SER B 308 -31.14 -3.38 -19.37
CA SER B 308 -31.01 -2.05 -18.78
C SER B 308 -29.83 -1.37 -19.45
N PRO B 309 -29.89 -0.05 -19.71
CA PRO B 309 -28.74 0.67 -20.25
C PRO B 309 -27.63 0.77 -19.21
N ILE B 310 -27.97 0.49 -17.93
CA ILE B 310 -26.99 0.66 -16.88
C ILE B 310 -26.60 -0.67 -16.23
N ALA B 311 -25.28 -0.89 -16.06
CA ALA B 311 -24.76 -2.15 -15.50
C ALA B 311 -25.28 -2.40 -14.09
N ASP B 312 -25.43 -3.70 -13.81
CA ASP B 312 -25.68 -4.18 -12.47
C ASP B 312 -26.92 -3.47 -11.93
N SER B 313 -27.99 -3.46 -12.73
CA SER B 313 -29.16 -2.67 -12.35
C SER B 313 -30.46 -3.34 -12.80
N VAL B 314 -31.54 -2.93 -12.14
CA VAL B 314 -32.90 -3.21 -12.52
C VAL B 314 -33.63 -1.89 -12.65
N ILE B 315 -34.39 -1.74 -13.74
CA ILE B 315 -35.24 -0.57 -13.97
C ILE B 315 -36.72 -1.01 -13.96
N ALA B 316 -37.51 -0.41 -13.08
CA ALA B 316 -38.96 -0.59 -13.06
C ALA B 316 -39.62 0.62 -12.39
N HIS B 317 -40.92 0.81 -12.68
CA HIS B 317 -41.72 1.98 -12.30
C HIS B 317 -42.08 1.98 -10.82
N GLU B 318 -41.85 3.12 -10.14
CA GLU B 318 -42.31 3.32 -8.77
C GLU B 318 -43.70 2.69 -8.64
N HIS B 319 -44.59 3.15 -9.52
CA HIS B 319 -45.92 2.62 -9.83
C HIS B 319 -45.99 1.11 -9.57
N ASP B 320 -45.12 0.34 -10.24
CA ASP B 320 -45.34 -1.09 -10.40
C ASP B 320 -44.79 -1.90 -9.22
N ILE B 321 -43.98 -1.26 -8.35
CA ILE B 321 -43.25 -1.98 -7.30
C ILE B 321 -43.52 -1.35 -5.93
N ALA B 322 -44.47 -0.40 -5.85
CA ALA B 322 -44.75 0.35 -4.63
C ALA B 322 -45.29 -0.52 -3.49
N PRO B 323 -46.05 -1.63 -3.74
CA PRO B 323 -46.39 -2.57 -2.68
C PRO B 323 -45.16 -3.11 -1.96
N THR B 324 -44.05 -3.27 -2.71
CA THR B 324 -42.84 -3.87 -2.18
C THR B 324 -42.13 -2.90 -1.22
N GLY B 325 -42.54 -1.63 -1.30
CA GLY B 325 -42.09 -0.55 -0.43
C GLY B 325 -40.92 0.23 -1.02
N ALA B 326 -40.51 -0.16 -2.25
CA ALA B 326 -39.23 0.22 -2.81
C ALA B 326 -39.23 1.63 -3.38
N ASP B 327 -38.10 2.32 -3.18
CA ASP B 327 -37.66 3.47 -3.97
C ASP B 327 -36.20 3.25 -4.35
N TYR B 328 -35.44 4.31 -4.61
CA TYR B 328 -34.24 4.18 -5.42
C TYR B 328 -32.95 4.52 -4.66
N ASP B 329 -33.10 5.00 -3.42
CA ASP B 329 -32.00 5.47 -2.59
C ASP B 329 -31.17 4.29 -2.10
N GLY B 330 -30.79 3.42 -3.04
CA GLY B 330 -29.91 2.29 -2.73
C GLY B 330 -30.68 0.99 -2.50
N ASP B 331 -32.01 1.04 -2.70
CA ASP B 331 -32.83 -0.17 -2.64
C ASP B 331 -32.32 -1.15 -3.68
N ILE B 332 -32.26 -2.40 -3.30
CA ILE B 332 -31.85 -3.43 -4.22
C ILE B 332 -33.11 -4.09 -4.74
N GLY B 333 -33.11 -4.43 -6.03
CA GLY B 333 -34.18 -5.20 -6.62
C GLY B 333 -33.71 -6.59 -7.02
N TYR B 334 -34.50 -7.60 -6.63
CA TYR B 334 -34.21 -9.00 -6.88
C TYR B 334 -35.23 -9.58 -7.87
N VAL B 335 -34.72 -10.40 -8.76
CA VAL B 335 -35.46 -10.89 -9.90
C VAL B 335 -35.29 -12.41 -9.85
N PHE B 336 -36.36 -13.16 -9.53
CA PHE B 336 -36.28 -14.62 -9.55
C PHE B 336 -37.21 -15.21 -10.60
N PRO B 337 -37.00 -16.47 -11.06
CA PRO B 337 -37.93 -17.15 -11.96
C PRO B 337 -39.35 -17.12 -11.41
N THR B 338 -40.32 -17.30 -12.30
CA THR B 338 -41.69 -17.46 -11.86
C THR B 338 -41.84 -18.87 -11.31
N PRO B 339 -42.82 -19.13 -10.43
CA PRO B 339 -43.18 -20.51 -10.08
C PRO B 339 -43.12 -21.48 -11.24
N GLU B 340 -43.78 -21.14 -12.36
CA GLU B 340 -43.85 -22.00 -13.52
C GLU B 340 -42.45 -22.46 -13.95
N MET B 341 -41.43 -21.64 -13.68
CA MET B 341 -40.12 -21.91 -14.22
C MET B 341 -39.15 -22.28 -13.10
N GLY B 342 -39.68 -22.60 -11.92
CA GLY B 342 -38.89 -23.16 -10.84
C GLY B 342 -38.78 -22.22 -9.63
N GLY B 343 -39.20 -20.96 -9.77
CA GLY B 343 -39.16 -20.00 -8.68
C GLY B 343 -39.80 -20.55 -7.41
N LEU B 344 -39.34 -20.09 -6.24
CA LEU B 344 -39.99 -20.48 -5.00
C LEU B 344 -40.84 -19.35 -4.43
N TYR B 345 -40.81 -18.15 -5.01
CA TYR B 345 -41.66 -17.09 -4.50
C TYR B 345 -42.89 -16.93 -5.39
N MET B 346 -44.03 -16.62 -4.75
CA MET B 346 -45.31 -16.46 -5.43
C MET B 346 -45.71 -14.99 -5.51
N PRO B 347 -46.14 -14.55 -6.72
CA PRO B 347 -46.50 -13.16 -6.97
C PRO B 347 -47.76 -12.79 -6.20
N PHE B 348 -47.78 -11.55 -5.71
CA PHE B 348 -48.86 -11.02 -4.90
C PHE B 348 -49.97 -10.43 -5.79
N HIS B 349 -51.19 -10.93 -5.58
CA HIS B 349 -52.36 -10.35 -6.18
C HIS B 349 -53.33 -9.99 -5.06
N GLY B 350 -53.37 -8.71 -4.73
CA GLY B 350 -54.12 -8.25 -3.57
C GLY B 350 -53.98 -6.75 -3.40
N GLU B 351 -54.61 -6.22 -2.35
CA GLU B 351 -54.50 -4.79 -2.11
C GLU B 351 -53.36 -4.56 -1.12
N ALA B 352 -52.50 -3.60 -1.47
CA ALA B 352 -51.36 -3.25 -0.64
C ALA B 352 -51.81 -2.34 0.51
N LEU B 353 -51.45 -2.69 1.74
CA LEU B 353 -51.79 -1.90 2.92
C LEU B 353 -50.65 -0.94 3.28
N HIS B 354 -50.80 0.31 2.83
CA HIS B 354 -49.78 1.35 2.88
C HIS B 354 -50.38 2.65 3.41
N ARG B 355 -50.98 2.57 4.62
CA ARG B 355 -51.77 3.62 5.26
C ARG B 355 -51.01 4.95 5.25
N LYS B 356 -51.77 6.04 5.01
CA LYS B 356 -51.24 7.39 4.84
C LYS B 356 -51.92 8.36 5.81
N ASP B 357 -51.13 9.31 6.32
CA ASP B 357 -51.59 10.49 7.05
C ASP B 357 -52.22 10.08 8.39
N LEU B 358 -51.43 9.42 9.23
CA LEU B 358 -51.70 9.33 10.66
C LEU B 358 -50.67 10.20 11.39
N PRO B 359 -51.03 10.85 12.52
CA PRO B 359 -50.21 11.89 13.15
C PRO B 359 -48.69 11.71 13.10
N THR B 360 -48.02 12.69 12.48
CA THR B 360 -46.57 12.65 12.29
C THR B 360 -45.94 13.99 12.70
N LYS B 361 -45.09 13.94 13.73
CA LYS B 361 -44.17 15.01 14.05
C LYS B 361 -42.73 14.51 13.92
N ASP B 362 -41.77 15.43 14.04
CA ASP B 362 -40.36 15.11 13.85
C ASP B 362 -39.77 14.60 15.16
N TYR B 363 -38.47 14.28 15.09
CA TYR B 363 -37.61 14.24 16.25
C TYR B 363 -37.01 15.65 16.41
N GLU B 364 -36.70 16.06 17.64
CA GLU B 364 -36.36 17.45 17.90
C GLU B 364 -34.85 17.66 17.78
N SER B 365 -34.06 16.60 17.94
CA SER B 365 -32.63 16.71 18.17
C SER B 365 -31.79 15.95 17.14
N GLY B 366 -32.02 14.63 17.02
CA GLY B 366 -31.08 13.76 16.35
C GLY B 366 -30.55 12.67 17.28
N LEU B 367 -30.51 12.98 18.58
CA LEU B 367 -30.45 11.99 19.66
C LEU B 367 -31.85 11.40 19.83
N HIS B 368 -32.86 12.25 19.62
CA HIS B 368 -34.25 11.84 19.53
C HIS B 368 -34.37 10.77 18.45
N ARG B 369 -33.87 11.12 17.25
CA ARG B 369 -33.87 10.23 16.09
C ARG B 369 -33.18 8.91 16.43
N TRP B 370 -31.96 9.02 16.98
CA TRP B 370 -31.19 7.88 17.44
C TRP B 370 -32.02 7.02 18.38
N ALA B 371 -32.64 7.67 19.38
CA ALA B 371 -33.54 6.99 20.29
C ALA B 371 -34.64 6.29 19.49
N GLY B 372 -35.33 7.08 18.65
CA GLY B 372 -36.38 6.57 17.80
C GLY B 372 -35.96 5.31 17.05
N GLN B 373 -34.77 5.38 16.43
CA GLN B 373 -34.24 4.30 15.61
C GLN B 373 -34.10 3.03 16.46
N VAL B 374 -33.48 3.17 17.64
CA VAL B 374 -33.13 2.04 18.49
C VAL B 374 -34.42 1.45 19.06
N HIS B 375 -35.34 2.36 19.44
CA HIS B 375 -36.66 2.00 19.92
C HIS B 375 -37.35 1.15 18.86
N ALA B 376 -37.51 1.75 17.67
CA ALA B 376 -38.22 1.18 16.54
C ALA B 376 -37.58 -0.15 16.13
N ALA B 377 -36.25 -0.14 16.02
CA ALA B 377 -35.51 -1.31 15.55
C ALA B 377 -35.98 -2.56 16.29
N HIS B 378 -36.37 -2.39 17.56
CA HIS B 378 -36.75 -3.53 18.38
C HIS B 378 -38.19 -3.94 18.09
N ILE B 379 -39.10 -2.97 18.12
CA ILE B 379 -40.51 -3.23 17.85
C ILE B 379 -40.62 -4.00 16.54
N LEU B 380 -39.90 -3.49 15.52
CA LEU B 380 -39.80 -4.11 14.21
C LEU B 380 -39.52 -5.61 14.33
N GLY B 381 -38.42 -5.93 15.03
CA GLY B 381 -37.97 -7.30 15.19
C GLY B 381 -39.04 -8.17 15.84
N ARG B 382 -39.67 -7.63 16.91
CA ARG B 382 -40.61 -8.43 17.66
C ARG B 382 -41.81 -8.76 16.77
N VAL B 383 -42.32 -7.75 16.06
CA VAL B 383 -43.49 -7.93 15.20
C VAL B 383 -43.17 -8.99 14.16
N GLU B 384 -41.97 -8.88 13.57
CA GLU B 384 -41.55 -9.72 12.46
C GLU B 384 -41.46 -11.17 12.95
N VAL B 385 -40.91 -11.35 14.14
CA VAL B 385 -40.68 -12.68 14.66
C VAL B 385 -42.00 -13.26 15.17
N ASN B 386 -42.77 -12.42 15.88
CA ASN B 386 -44.09 -12.73 16.42
C ASN B 386 -44.96 -13.32 15.31
N THR B 387 -45.00 -12.63 14.16
CA THR B 387 -45.89 -12.94 13.05
C THR B 387 -45.49 -14.25 12.39
N ARG B 388 -44.18 -14.49 12.30
CA ARG B 388 -43.67 -15.71 11.69
C ARG B 388 -43.95 -16.89 12.61
N ARG B 389 -43.82 -16.64 13.92
CA ARG B 389 -44.09 -17.62 14.97
C ARG B 389 -45.51 -18.17 14.88
N LEU B 390 -46.49 -17.26 14.72
CA LEU B 390 -47.91 -17.61 14.65
C LEU B 390 -48.19 -18.47 13.42
N LEU B 391 -47.53 -18.17 12.30
CA LEU B 391 -47.67 -19.00 11.12
C LEU B 391 -47.40 -20.47 11.48
N ASP B 392 -46.50 -20.69 12.45
CA ASP B 392 -46.13 -22.02 12.90
C ASP B 392 -47.28 -22.66 13.69
N ALA B 393 -47.78 -21.96 14.73
CA ALA B 393 -48.90 -22.44 15.54
C ALA B 393 -50.09 -22.78 14.65
N ALA B 394 -50.32 -21.95 13.63
CA ALA B 394 -51.44 -22.10 12.70
C ALA B 394 -51.26 -23.28 11.75
N TRP B 395 -50.17 -23.32 10.95
CA TRP B 395 -50.05 -24.39 9.98
C TRP B 395 -50.03 -25.73 10.72
N ALA B 396 -49.76 -25.66 12.04
CA ALA B 396 -49.53 -26.82 12.89
C ALA B 396 -50.82 -27.62 13.04
N ASN B 397 -51.93 -26.90 13.27
CA ASN B 397 -53.27 -27.48 13.26
C ASN B 397 -53.62 -27.89 11.83
N GLY B 398 -53.58 -26.90 10.93
CA GLY B 398 -54.06 -26.98 9.56
C GLY B 398 -54.85 -25.72 9.23
N GLU B 399 -54.37 -24.58 9.76
CA GLU B 399 -55.00 -23.29 9.58
C GLU B 399 -54.04 -22.33 8.87
N GLU B 400 -54.46 -21.06 8.75
CA GLU B 400 -53.62 -19.99 8.25
C GLU B 400 -53.75 -18.86 9.24
N VAL B 401 -52.74 -17.98 9.29
CA VAL B 401 -53.04 -16.74 9.96
C VAL B 401 -54.04 -16.02 9.05
N SER B 402 -55.02 -15.37 9.68
CA SER B 402 -55.97 -14.57 8.94
C SER B 402 -55.23 -13.45 8.21
N GLN B 403 -55.58 -13.26 6.92
CA GLN B 403 -54.92 -12.30 6.06
C GLN B 403 -55.01 -10.90 6.68
N ASP B 404 -56.14 -10.62 7.33
CA ASP B 404 -56.31 -9.36 8.03
C ASP B 404 -55.10 -9.12 8.94
N TYR B 405 -54.69 -10.18 9.65
CA TYR B 405 -53.69 -10.05 10.70
C TYR B 405 -52.32 -9.76 10.09
N LEU B 406 -51.96 -10.58 9.09
CA LEU B 406 -50.80 -10.36 8.23
C LEU B 406 -50.74 -8.88 7.79
N HIS B 407 -51.88 -8.36 7.32
CA HIS B 407 -52.01 -6.96 6.95
C HIS B 407 -51.58 -6.05 8.12
N ALA B 408 -52.01 -6.36 9.34
CA ALA B 408 -51.78 -5.46 10.46
C ALA B 408 -50.31 -5.49 10.88
N ALA B 409 -49.73 -6.69 10.91
CA ALA B 409 -48.30 -6.87 11.13
C ALA B 409 -47.53 -6.01 10.12
N THR B 410 -47.87 -6.17 8.84
CA THR B 410 -47.20 -5.47 7.76
C THR B 410 -47.19 -3.97 8.01
N GLU B 411 -48.36 -3.39 8.32
CA GLU B 411 -48.48 -1.97 8.50
C GLU B 411 -47.66 -1.55 9.72
N MET B 412 -47.52 -2.48 10.67
CA MET B 412 -46.75 -2.27 11.88
C MET B 412 -45.28 -2.11 11.50
N ILE B 413 -44.76 -3.15 10.81
CA ILE B 413 -43.42 -3.16 10.24
C ILE B 413 -43.15 -1.83 9.52
N GLN B 414 -44.06 -1.44 8.62
CA GLN B 414 -43.80 -0.31 7.74
C GLN B 414 -43.57 0.96 8.55
N VAL B 415 -44.26 1.05 9.69
CA VAL B 415 -44.21 2.22 10.56
C VAL B 415 -42.90 2.22 11.35
N ALA B 416 -42.51 1.04 11.84
CA ALA B 416 -41.19 0.84 12.41
C ALA B 416 -40.14 1.46 11.49
N VAL B 417 -40.06 0.94 10.26
CA VAL B 417 -39.07 1.36 9.28
C VAL B 417 -39.16 2.86 9.05
N ASP B 418 -40.37 3.44 9.16
CA ASP B 418 -40.57 4.85 8.88
C ASP B 418 -40.22 5.71 10.09
N ARG B 419 -40.39 5.12 11.28
CA ARG B 419 -40.12 5.81 12.54
C ARG B 419 -38.62 6.08 12.69
N GLN B 420 -37.82 5.66 11.70
CA GLN B 420 -36.38 5.80 11.76
C GLN B 420 -35.96 7.20 11.30
N LYS B 421 -36.89 7.91 10.64
CA LYS B 421 -36.66 9.27 10.18
C LYS B 421 -37.53 10.22 11.00
N ARG B 422 -38.80 9.83 11.19
CA ARG B 422 -39.81 10.72 11.74
C ARG B 422 -40.55 10.01 12.87
N ASP B 423 -41.00 10.84 13.83
CA ASP B 423 -41.76 10.41 15.00
C ASP B 423 -43.22 10.21 14.59
N ILE B 424 -43.56 8.97 14.24
CA ILE B 424 -44.84 8.61 13.64
C ILE B 424 -45.65 7.84 14.68
N GLN B 425 -46.96 8.12 14.74
CA GLN B 425 -47.83 7.54 15.74
C GLN B 425 -48.03 6.05 15.44
N TRP B 426 -47.82 5.20 16.45
CA TRP B 426 -47.91 3.76 16.29
C TRP B 426 -49.34 3.35 15.97
N PRO B 427 -49.57 2.35 15.09
CA PRO B 427 -50.89 1.74 14.93
C PRO B 427 -51.20 0.82 16.10
N ASP B 428 -52.49 0.61 16.36
CA ASP B 428 -52.97 -0.42 17.28
C ASP B 428 -52.64 -1.79 16.71
N PHE B 429 -51.99 -2.62 17.53
CA PHE B 429 -51.64 -3.97 17.08
C PHE B 429 -51.81 -4.94 18.24
N ASP B 430 -52.30 -6.15 17.91
CA ASP B 430 -52.51 -7.16 18.93
C ASP B 430 -51.43 -8.24 18.81
N PHE B 431 -50.68 -8.43 19.90
CA PHE B 431 -49.56 -9.35 19.91
C PHE B 431 -50.01 -10.73 20.38
N LYS B 432 -51.03 -11.33 19.74
CA LYS B 432 -51.41 -12.70 20.09
C LYS B 432 -50.14 -13.54 20.08
N THR B 433 -49.77 -14.11 21.23
CA THR B 433 -48.53 -14.87 21.31
C THR B 433 -48.85 -16.33 21.57
N ILE B 434 -47.98 -17.20 21.04
CA ILE B 434 -47.83 -18.55 21.56
C ILE B 434 -46.53 -18.55 22.35
N LYS B 435 -46.43 -19.47 23.33
CA LYS B 435 -45.15 -19.92 23.82
C LYS B 435 -45.08 -21.43 23.62
N ASP B 436 -44.20 -21.82 22.69
CA ASP B 436 -43.81 -23.20 22.42
C ASP B 436 -42.56 -23.18 21.55
N PRO B 437 -41.74 -24.25 21.54
CA PRO B 437 -40.78 -24.46 20.47
C PRO B 437 -41.49 -24.49 19.10
N VAL B 438 -41.46 -23.33 18.43
CA VAL B 438 -41.96 -23.23 17.07
C VAL B 438 -40.78 -23.28 16.09
N MET B 439 -41.09 -23.69 14.85
CA MET B 439 -40.15 -23.82 13.74
C MET B 439 -39.41 -22.53 13.42
N THR B 440 -40.06 -21.37 13.53
CA THR B 440 -39.39 -20.08 13.47
C THR B 440 -38.19 -20.03 14.42
N ASP B 441 -38.39 -20.59 15.63
CA ASP B 441 -37.38 -20.62 16.67
C ASP B 441 -36.18 -21.43 16.17
N PHE B 442 -36.45 -22.56 15.52
CA PHE B 442 -35.41 -23.34 14.87
C PHE B 442 -34.73 -22.56 13.75
N TRP B 443 -35.50 -21.97 12.81
CA TRP B 443 -34.90 -21.24 11.70
C TRP B 443 -33.96 -20.16 12.23
N ARG B 444 -34.33 -19.50 13.34
CA ARG B 444 -33.49 -18.44 13.89
C ARG B 444 -32.16 -18.97 14.44
N LEU B 445 -32.07 -20.29 14.67
CA LEU B 445 -30.87 -20.99 15.09
C LEU B 445 -30.09 -21.46 13.86
N ALA B 446 -30.76 -22.20 12.97
CA ALA B 446 -30.06 -22.81 11.86
C ALA B 446 -29.68 -21.78 10.79
N VAL B 447 -30.49 -20.72 10.66
CA VAL B 447 -30.21 -19.72 9.65
C VAL B 447 -30.38 -18.33 10.24
N PRO B 448 -29.59 -17.93 11.26
CA PRO B 448 -29.78 -16.61 11.87
C PRO B 448 -29.85 -15.52 10.79
N GLY B 449 -30.89 -14.69 10.86
CA GLY B 449 -31.03 -13.53 9.98
C GLY B 449 -32.02 -13.74 8.81
N GLY B 450 -32.30 -15.01 8.47
CA GLY B 450 -33.14 -15.36 7.35
C GLY B 450 -32.36 -15.70 6.07
N LYS B 451 -31.16 -15.13 5.91
CA LYS B 451 -30.44 -15.20 4.65
C LYS B 451 -29.66 -16.51 4.57
N LEU B 452 -29.80 -17.25 3.46
CA LEU B 452 -29.15 -18.53 3.24
C LEU B 452 -27.63 -18.42 3.24
N THR B 453 -27.09 -17.23 2.92
CA THR B 453 -25.65 -16.98 2.95
C THR B 453 -25.26 -16.49 4.33
N PRO B 454 -24.52 -17.32 5.11
CA PRO B 454 -24.30 -17.07 6.55
C PRO B 454 -23.49 -15.80 6.70
N GLU B 455 -23.59 -15.16 7.88
CA GLU B 455 -22.98 -13.87 8.14
C GLU B 455 -21.52 -14.05 8.59
N GLY B 456 -20.64 -14.27 7.60
CA GLY B 456 -19.20 -14.19 7.75
C GLY B 456 -18.62 -15.14 8.80
N ASN B 457 -18.29 -14.57 9.96
CA ASN B 457 -17.64 -15.31 11.03
C ASN B 457 -18.49 -15.28 12.29
N THR B 458 -18.81 -16.49 12.77
CA THR B 458 -19.21 -16.75 14.14
C THR B 458 -18.17 -17.72 14.72
N PRO B 459 -17.76 -17.54 16.00
CA PRO B 459 -16.79 -18.44 16.64
C PRO B 459 -16.96 -19.91 16.27
N ALA B 460 -15.83 -20.57 16.02
CA ALA B 460 -15.74 -21.91 15.45
C ALA B 460 -16.36 -22.97 16.36
N ALA B 461 -16.43 -22.67 17.66
CA ALA B 461 -17.00 -23.59 18.64
C ALA B 461 -18.51 -23.70 18.42
N LYS B 462 -19.14 -22.54 18.19
CA LYS B 462 -20.58 -22.37 18.17
C LYS B 462 -21.14 -22.82 16.83
N ILE B 463 -20.37 -22.61 15.76
CA ILE B 463 -20.82 -22.89 14.40
C ILE B 463 -21.13 -24.37 14.23
N THR B 464 -20.40 -25.24 14.93
CA THR B 464 -20.67 -26.66 14.78
C THR B 464 -22.02 -26.99 15.42
N ASN B 465 -22.35 -26.25 16.49
CA ASN B 465 -23.60 -26.49 17.23
C ASN B 465 -24.78 -26.08 16.36
N ARG B 466 -24.73 -24.87 15.80
CA ARG B 466 -25.77 -24.38 14.92
C ARG B 466 -26.18 -25.45 13.90
N TRP B 467 -25.22 -26.10 13.23
CA TRP B 467 -25.59 -27.11 12.26
C TRP B 467 -26.03 -28.40 12.93
N ARG B 468 -25.77 -28.51 14.23
CA ARG B 468 -26.19 -29.68 14.97
C ARG B 468 -27.69 -29.58 15.26
N ALA B 469 -28.23 -28.36 15.23
CA ALA B 469 -29.64 -28.08 15.52
C ALA B 469 -30.57 -28.92 14.64
N TRP B 470 -30.10 -29.32 13.46
CA TRP B 470 -30.90 -30.12 12.55
C TRP B 470 -31.27 -31.48 13.15
N GLU B 471 -30.59 -31.87 14.24
CA GLU B 471 -30.92 -33.10 14.96
C GLU B 471 -32.31 -32.99 15.60
N THR B 472 -32.62 -31.79 16.12
CA THR B 472 -33.69 -31.57 17.08
C THR B 472 -34.96 -31.04 16.41
N LEU B 473 -35.32 -31.57 15.24
CA LEU B 473 -36.39 -30.97 14.46
C LEU B 473 -37.73 -31.16 15.17
N ASP B 474 -37.94 -32.39 15.66
CA ASP B 474 -39.19 -32.87 16.26
C ASP B 474 -39.55 -32.05 17.49
N GLY B 475 -38.55 -31.48 18.17
CA GLY B 475 -38.80 -30.63 19.31
C GLY B 475 -39.69 -29.43 18.97
N TYR B 476 -39.92 -29.25 17.66
CA TYR B 476 -40.41 -27.97 17.16
C TYR B 476 -41.80 -28.10 16.56
N VAL B 477 -42.72 -27.21 16.97
CA VAL B 477 -44.08 -27.27 16.46
C VAL B 477 -44.23 -26.37 15.23
N GLY B 478 -44.81 -26.97 14.18
CA GLY B 478 -45.26 -26.28 12.98
C GLY B 478 -45.67 -27.25 11.87
N HIS B 479 -45.99 -26.69 10.70
CA HIS B 479 -46.44 -27.45 9.55
C HIS B 479 -45.86 -28.87 9.57
N PRO B 480 -46.73 -29.91 9.72
CA PRO B 480 -46.32 -31.30 9.62
C PRO B 480 -45.34 -31.60 8.49
N ASP B 481 -45.73 -31.25 7.26
CA ASP B 481 -45.01 -31.62 6.05
C ASP B 481 -43.66 -30.89 5.96
N MET B 482 -43.56 -29.69 6.57
CA MET B 482 -42.29 -29.00 6.67
C MET B 482 -41.33 -29.90 7.46
N LYS B 483 -41.67 -30.12 8.75
CA LYS B 483 -40.96 -30.99 9.67
C LYS B 483 -40.61 -32.32 8.98
N ASP B 484 -41.58 -32.95 8.34
CA ASP B 484 -41.32 -34.27 7.79
C ASP B 484 -40.46 -34.20 6.53
N GLY B 485 -40.72 -33.20 5.66
CA GLY B 485 -40.03 -33.07 4.38
C GLY B 485 -38.52 -32.92 4.56
N LEU B 486 -38.12 -32.18 5.60
CA LEU B 486 -36.75 -31.75 5.84
C LEU B 486 -35.84 -32.89 6.30
N LYS B 487 -36.38 -34.10 6.51
CA LYS B 487 -35.62 -35.17 7.15
C LYS B 487 -34.37 -35.51 6.34
N PRO B 488 -34.45 -35.78 5.02
CA PRO B 488 -33.26 -36.05 4.22
C PRO B 488 -32.17 -34.99 4.24
N LEU B 489 -32.56 -33.72 4.43
CA LEU B 489 -31.61 -32.62 4.55
C LEU B 489 -30.94 -32.63 5.93
N ALA B 490 -31.73 -32.75 7.00
CA ALA B 490 -31.19 -32.90 8.34
C ALA B 490 -30.24 -34.10 8.40
N SER B 491 -30.56 -35.18 7.66
CA SER B 491 -29.67 -36.31 7.49
C SER B 491 -28.38 -35.93 6.77
N LYS B 492 -28.51 -35.28 5.59
CA LYS B 492 -27.35 -34.90 4.78
C LYS B 492 -26.38 -34.09 5.64
N VAL B 493 -26.93 -33.09 6.34
CA VAL B 493 -26.13 -32.20 7.18
C VAL B 493 -25.36 -33.06 8.19
N SER B 494 -26.01 -34.10 8.70
CA SER B 494 -25.47 -34.90 9.79
C SER B 494 -24.38 -35.86 9.30
N ARG B 495 -24.57 -36.47 8.13
CA ARG B 495 -23.49 -37.24 7.53
C ARG B 495 -22.23 -36.38 7.41
N VAL B 496 -22.39 -35.15 6.88
CA VAL B 496 -21.26 -34.31 6.52
C VAL B 496 -20.53 -33.87 7.79
N LEU B 497 -21.30 -33.50 8.82
CA LEU B 497 -20.73 -33.10 10.11
C LEU B 497 -19.91 -34.25 10.68
N ALA B 498 -20.47 -35.46 10.61
CA ALA B 498 -19.85 -36.62 11.21
C ALA B 498 -18.61 -37.04 10.43
N ARG B 499 -18.57 -36.76 9.13
CA ARG B 499 -17.46 -37.18 8.30
C ARG B 499 -16.18 -36.44 8.74
N GLY B 500 -16.36 -35.26 9.34
CA GLY B 500 -15.25 -34.39 9.69
C GLY B 500 -15.11 -34.09 11.18
N GLU B 501 -15.88 -34.79 12.04
CA GLU B 501 -15.95 -34.48 13.46
C GLU B 501 -14.58 -34.55 14.14
N HIS B 502 -13.77 -35.55 13.78
CA HIS B 502 -12.55 -35.82 14.53
C HIS B 502 -11.32 -35.77 13.63
N ARG B 503 -11.49 -35.21 12.43
CA ARG B 503 -10.37 -34.93 11.55
C ARG B 503 -9.85 -33.51 11.83
N ARG B 504 -9.06 -33.34 12.89
CA ARG B 504 -8.55 -32.06 13.33
C ARG B 504 -7.32 -31.65 12.49
N PRO B 505 -7.02 -30.34 12.35
CA PRO B 505 -5.89 -29.85 11.55
C PRO B 505 -4.49 -29.93 12.16
N GLY B 506 -4.43 -30.08 13.49
CA GLY B 506 -3.17 -30.08 14.22
C GLY B 506 -2.11 -30.96 13.55
N PRO B 507 -2.37 -32.30 13.46
CA PRO B 507 -1.48 -33.24 12.78
C PRO B 507 -1.03 -32.85 11.38
N VAL B 508 -1.96 -32.41 10.52
CA VAL B 508 -1.56 -31.99 9.18
C VAL B 508 -0.65 -30.76 9.26
N LEU B 509 -0.96 -29.83 10.19
CA LEU B 509 -0.12 -28.64 10.25
C LEU B 509 1.28 -29.08 10.69
N ALA B 510 1.37 -30.06 11.61
CA ALA B 510 2.68 -30.47 12.08
C ALA B 510 3.47 -31.18 10.99
N ALA B 511 2.79 -32.02 10.20
CA ALA B 511 3.42 -32.64 9.05
C ALA B 511 3.97 -31.61 8.05
N LEU B 512 3.17 -30.57 7.68
CA LEU B 512 3.62 -29.59 6.70
C LEU B 512 4.87 -28.86 7.20
N ALA B 513 4.94 -28.61 8.51
CA ALA B 513 6.14 -28.03 9.08
C ALA B 513 7.39 -28.85 8.73
N PHE B 514 7.33 -30.19 8.87
CA PHE B 514 8.47 -31.06 8.62
C PHE B 514 8.70 -31.31 7.13
N ALA B 515 7.61 -31.38 6.34
CA ALA B 515 7.75 -31.73 4.94
C ALA B 515 8.34 -30.58 4.12
N LEU B 516 8.10 -29.33 4.57
CA LEU B 516 8.48 -28.16 3.78
C LEU B 516 9.95 -27.89 4.02
N PRO B 517 10.70 -27.30 3.05
CA PRO B 517 12.13 -27.05 3.24
C PRO B 517 12.31 -25.86 4.18
N ALA B 518 13.50 -25.70 4.76
CA ALA B 518 13.81 -24.57 5.61
C ALA B 518 13.41 -23.26 4.91
N PRO B 519 12.94 -22.25 5.68
CA PRO B 519 12.58 -20.96 5.10
C PRO B 519 13.78 -20.27 4.44
N GLU B 520 13.55 -19.58 3.33
CA GLU B 520 14.58 -18.75 2.71
C GLU B 520 14.90 -17.59 3.65
N PRO B 521 15.87 -16.70 3.35
CA PRO B 521 16.25 -15.64 4.31
C PRO B 521 15.18 -14.55 4.27
N ARG B 522 14.88 -13.99 5.45
CA ARG B 522 13.78 -13.06 5.58
C ARG B 522 14.19 -11.82 6.36
N PRO B 523 13.66 -10.63 5.97
CA PRO B 523 13.90 -9.37 6.69
C PRO B 523 13.67 -9.46 8.19
N LYS B 524 14.39 -8.63 8.96
CA LYS B 524 14.36 -8.67 10.41
C LYS B 524 12.95 -8.36 10.92
N GLU B 525 12.25 -7.47 10.20
CA GLU B 525 10.92 -7.02 10.58
C GLU B 525 9.95 -8.20 10.51
N VAL B 526 10.17 -9.10 9.54
CA VAL B 526 9.45 -10.35 9.41
C VAL B 526 9.82 -11.28 10.58
N GLU B 527 11.12 -11.45 10.84
CA GLU B 527 11.54 -12.25 11.98
C GLU B 527 10.88 -11.73 13.26
N ASP B 528 10.65 -10.41 13.32
CA ASP B 528 10.28 -9.79 14.57
C ASP B 528 8.81 -10.03 14.86
N LEU B 529 7.98 -9.75 13.84
CA LEU B 529 6.57 -10.05 13.84
C LEU B 529 6.32 -11.52 14.18
N LEU B 530 7.08 -12.43 13.56
CA LEU B 530 6.91 -13.86 13.79
C LEU B 530 7.19 -14.24 15.25
N THR B 531 8.26 -13.68 15.84
CA THR B 531 8.51 -13.97 17.25
C THR B 531 7.43 -13.32 18.12
N ALA B 532 6.93 -12.15 17.68
CA ALA B 532 5.94 -11.43 18.46
C ALA B 532 4.72 -12.32 18.62
N GLY B 533 4.21 -12.80 17.46
CA GLY B 533 3.06 -13.68 17.39
C GLY B 533 3.23 -14.91 18.28
N LEU B 534 4.38 -15.58 18.06
CA LEU B 534 4.78 -16.79 18.77
C LEU B 534 4.72 -16.56 20.27
N GLN B 535 5.40 -15.49 20.74
CA GLN B 535 5.62 -15.28 22.17
C GLN B 535 4.33 -14.89 22.89
N SER B 536 3.38 -14.29 22.18
CA SER B 536 2.19 -13.72 22.79
C SER B 536 0.98 -14.61 22.51
N GLY B 537 1.16 -15.58 21.62
CA GLY B 537 0.03 -16.42 21.21
C GLY B 537 -0.97 -15.64 20.38
N LYS B 538 -0.47 -14.81 19.46
CA LYS B 538 -1.32 -14.00 18.60
C LYS B 538 -0.90 -14.19 17.14
N ARG B 539 -0.50 -15.42 16.78
CA ARG B 539 0.11 -15.66 15.50
C ARG B 539 -0.86 -15.33 14.35
N HIS B 540 -2.17 -15.46 14.59
CA HIS B 540 -3.10 -15.30 13.49
C HIS B 540 -3.13 -13.84 13.02
N ALA B 541 -3.05 -12.94 14.00
CA ALA B 541 -2.98 -11.52 13.77
C ALA B 541 -1.72 -11.20 12.96
N VAL B 542 -0.59 -11.78 13.40
CA VAL B 542 0.69 -11.60 12.73
C VAL B 542 0.62 -12.14 11.30
N TYR B 543 -0.04 -13.29 11.13
CA TYR B 543 -0.13 -13.91 9.81
C TYR B 543 -0.95 -13.01 8.88
N ASP B 544 -2.00 -12.39 9.42
CA ASP B 544 -2.86 -11.51 8.63
C ASP B 544 -2.04 -10.35 8.07
N ALA B 545 -1.16 -9.80 8.93
CA ALA B 545 -0.33 -8.68 8.51
C ALA B 545 0.59 -9.11 7.38
N LEU B 546 1.34 -10.20 7.62
CA LEU B 546 2.34 -10.69 6.67
C LEU B 546 1.64 -11.03 5.37
N VAL B 547 0.47 -11.67 5.45
CA VAL B 547 -0.29 -11.90 4.24
C VAL B 547 -0.52 -10.57 3.51
N GLN B 548 -1.05 -9.57 4.25
CA GLN B 548 -1.42 -8.27 3.71
C GLN B 548 -0.20 -7.53 3.13
N MET B 549 0.94 -7.62 3.84
CA MET B 549 2.17 -7.00 3.40
C MET B 549 2.87 -7.81 2.30
N GLY B 550 2.31 -8.98 1.94
CA GLY B 550 2.73 -9.77 0.79
C GLY B 550 4.06 -10.51 0.93
N LEU B 551 4.30 -11.20 2.07
CA LEU B 551 5.43 -12.10 2.26
C LEU B 551 5.39 -13.19 1.20
N PRO B 552 6.55 -13.63 0.66
CA PRO B 552 6.57 -14.78 -0.24
C PRO B 552 6.68 -16.11 0.51
N ALA B 553 6.08 -17.16 -0.06
CA ALA B 553 5.87 -18.41 0.65
C ALA B 553 7.19 -19.02 1.10
N SER B 554 8.22 -18.91 0.24
CA SER B 554 9.47 -19.59 0.48
C SER B 554 10.11 -19.12 1.79
N GLN B 555 9.49 -18.11 2.42
CA GLN B 555 9.98 -17.44 3.63
C GLN B 555 9.11 -17.71 4.86
N ALA B 556 8.10 -18.59 4.73
CA ALA B 556 7.10 -18.76 5.77
C ALA B 556 6.90 -20.23 6.13
N THR B 557 7.85 -21.09 5.75
CA THR B 557 7.61 -22.53 5.75
C THR B 557 7.74 -23.11 7.14
N ASP B 558 8.21 -22.30 8.10
CA ASP B 558 8.18 -22.75 9.49
C ASP B 558 6.84 -22.41 10.16
N HIS B 559 5.97 -21.67 9.46
CA HIS B 559 4.63 -21.33 9.94
C HIS B 559 3.59 -21.84 8.94
N PRO B 560 3.33 -23.16 8.96
CA PRO B 560 2.43 -23.78 7.99
C PRO B 560 1.11 -23.06 7.73
N GLU B 561 0.49 -22.54 8.81
CA GLU B 561 -0.78 -21.83 8.69
C GLU B 561 -0.61 -20.61 7.80
N LEU B 562 0.50 -19.89 7.99
CA LEU B 562 0.83 -18.77 7.14
C LEU B 562 1.19 -19.27 5.73
N TRP B 563 2.06 -20.28 5.68
CA TRP B 563 2.48 -20.86 4.42
C TRP B 563 1.27 -21.18 3.55
N LEU B 564 0.25 -21.84 4.14
CA LEU B 564 -0.91 -22.27 3.39
C LEU B 564 -1.59 -21.09 2.71
N ARG B 565 -1.29 -19.87 3.17
CA ARG B 565 -2.02 -18.69 2.74
C ARG B 565 -1.25 -17.92 1.68
N LEU B 566 0.05 -18.19 1.56
CA LEU B 566 0.91 -17.53 0.59
C LEU B 566 1.12 -18.41 -0.65
N ALA B 567 1.08 -19.74 -0.48
CA ALA B 567 1.51 -20.72 -1.47
C ALA B 567 0.66 -20.67 -2.74
N SER B 568 1.29 -20.99 -3.87
CA SER B 568 0.61 -21.07 -5.15
C SER B 568 -0.14 -22.40 -5.27
N LYS B 569 -1.12 -22.40 -6.18
CA LYS B 569 -1.83 -23.57 -6.65
C LYS B 569 -0.87 -24.75 -6.82
N GLU B 570 0.29 -24.52 -7.45
CA GLU B 570 1.23 -25.58 -7.77
C GLU B 570 1.92 -26.05 -6.51
N GLU B 571 2.28 -25.11 -5.62
CA GLU B 571 3.02 -25.45 -4.41
C GLU B 571 2.17 -26.31 -3.46
N LEU B 572 0.84 -26.11 -3.47
CA LEU B 572 -0.06 -26.79 -2.57
C LEU B 572 -0.25 -28.23 -3.05
N GLU B 573 -0.71 -28.38 -4.30
CA GLU B 573 -0.81 -29.67 -4.99
C GLU B 573 0.42 -30.51 -4.63
N ALA B 574 1.60 -29.90 -4.67
CA ALA B 574 2.83 -30.63 -4.51
C ALA B 574 2.97 -31.22 -3.10
N VAL B 575 2.79 -30.42 -2.04
CA VAL B 575 2.95 -30.99 -0.70
C VAL B 575 1.80 -31.95 -0.39
N PHE B 576 0.63 -31.69 -0.97
CA PHE B 576 -0.46 -32.61 -0.70
C PHE B 576 -0.17 -33.98 -1.30
N LYS B 577 0.44 -34.01 -2.50
CA LYS B 577 0.85 -35.27 -3.12
C LYS B 577 1.95 -35.91 -2.29
N GLN B 578 2.85 -35.10 -1.73
CA GLN B 578 3.93 -35.67 -0.94
C GLN B 578 3.38 -36.32 0.33
N LEU B 579 2.40 -35.69 0.98
CA LEU B 579 1.92 -36.23 2.24
C LEU B 579 0.84 -37.28 1.97
N GLY B 580 0.46 -37.44 0.70
CA GLY B 580 -0.47 -38.48 0.28
C GLY B 580 -1.90 -38.27 0.80
N TYR B 581 -2.31 -37.01 0.98
CA TYR B 581 -3.63 -36.73 1.51
C TYR B 581 -4.67 -37.11 0.47
N ARG B 582 -5.84 -37.55 0.95
CA ARG B 582 -7.00 -37.74 0.09
C ARG B 582 -7.73 -36.40 -0.05
N PRO B 583 -8.00 -35.92 -1.28
CA PRO B 583 -8.67 -34.62 -1.46
C PRO B 583 -9.94 -34.59 -0.62
N ALA B 584 -10.14 -33.45 0.06
CA ALA B 584 -11.26 -33.26 0.95
C ALA B 584 -12.56 -33.41 0.17
N MET B 585 -12.55 -32.91 -1.07
CA MET B 585 -13.80 -32.77 -1.79
C MET B 585 -14.38 -34.15 -2.08
N GLU B 586 -13.50 -35.15 -2.22
CA GLU B 586 -13.89 -36.54 -2.43
C GLU B 586 -14.65 -37.08 -1.21
N GLU B 587 -14.08 -36.85 -0.02
CA GLU B 587 -14.74 -37.28 1.20
C GLU B 587 -16.05 -36.52 1.38
N LEU B 588 -16.03 -35.19 1.15
CA LEU B 588 -17.23 -34.39 1.32
C LEU B 588 -18.33 -34.87 0.38
N GLU B 589 -17.95 -35.26 -0.86
CA GLU B 589 -18.87 -35.80 -1.84
C GLU B 589 -19.53 -37.05 -1.27
N GLU B 590 -18.69 -37.98 -0.78
CA GLU B 590 -19.15 -39.26 -0.27
C GLU B 590 -20.19 -39.03 0.83
N ALA B 591 -19.87 -38.14 1.78
CA ALA B 591 -20.80 -37.81 2.86
C ALA B 591 -22.14 -37.30 2.33
N LEU B 592 -22.14 -36.60 1.18
CA LEU B 592 -23.38 -36.09 0.60
C LEU B 592 -24.22 -37.23 0.03
N ASN B 593 -23.58 -38.15 -0.72
CA ASN B 593 -24.27 -39.03 -1.66
C ASN B 593 -24.56 -40.41 -1.06
N ALA B 594 -24.59 -40.51 0.27
CA ALA B 594 -24.61 -41.82 0.91
C ALA B 594 -25.99 -42.11 1.52
N VAL B 595 -26.43 -43.37 1.40
CA VAL B 595 -27.67 -43.89 1.98
C VAL B 595 -27.57 -43.84 3.52
MG MG C . 33.29 4.15 -15.48
MG MG D . -35.70 3.36 0.55
#